data_1ZP4
#
_entry.id   1ZP4
#
_cell.length_a   103.590
_cell.length_b   127.810
_cell.length_c   97.950
_cell.angle_alpha   90.00
_cell.angle_beta   121.88
_cell.angle_gamma   90.00
#
_symmetry.space_group_name_H-M   'C 1 2 1'
#
loop_
_entity.id
_entity.type
_entity.pdbx_description
1 polymer '5,10-methylenetetrahydrofolate reductase'
2 non-polymer 'SULFATE ION'
3 non-polymer '5-METHYL-5,6,7,8-TETRAHYDROFOLIC ACID'
4 non-polymer 'FLAVIN-ADENINE DINUCLEOTIDE'
5 water water
#
_entity_poly.entity_id   1
_entity_poly.type   'polypeptide(L)'
_entity_poly.pdbx_seq_one_letter_code
;MSFFHASQRDALNQSLAEVQGQINVSFQFFPPRTSEMEQTLWNSIDRLSSLKPKFVSVTYGANSGERDRTHSIIKGIKDR
TGLEAAPHLTCIDATPDELRTIARDYWNNGIRHIVALRGDLPPGSGKPEMYASDLVTLLKEVADFDISVAAYPEVHPEAK
SAQADLLNLKRKVDAGANRAITQFFFDVESYLRFRDRCVSAGIDVEIIPGILPVSNFKQAKKFADMTNVRIPAWMAQMFD
GLDDDAETRKLVGANIAMDMVKILSREGVKDFHFYTLNRAEMSYAICHTLGVRPGLLEHHHHHH
;
_entity_poly.pdbx_strand_id   A,B,C
#
# COMPACT_ATOMS: atom_id res chain seq x y z
N PHE A 3 3.20 -5.92 -12.27
CA PHE A 3 3.36 -4.78 -11.32
C PHE A 3 2.11 -3.92 -11.29
N PHE A 4 1.39 -3.89 -12.41
CA PHE A 4 0.17 -3.11 -12.52
C PHE A 4 -0.89 -3.54 -11.51
N HIS A 5 -0.96 -4.85 -11.26
CA HIS A 5 -1.93 -5.40 -10.32
C HIS A 5 -1.83 -4.69 -8.98
N ALA A 6 -0.60 -4.39 -8.56
CA ALA A 6 -0.37 -3.73 -7.29
C ALA A 6 -0.99 -2.33 -7.27
N SER A 7 -0.57 -1.49 -8.21
CA SER A 7 -1.08 -0.13 -8.28
C SER A 7 -2.60 -0.09 -8.49
N GLN A 8 -3.11 -0.99 -9.33
CA GLN A 8 -4.54 -1.04 -9.59
C GLN A 8 -5.31 -1.27 -8.28
N ARG A 9 -4.76 -2.13 -7.43
CA ARG A 9 -5.38 -2.43 -6.15
C ARG A 9 -5.36 -1.21 -5.22
N ASP A 10 -4.25 -0.48 -5.22
CA ASP A 10 -4.16 0.71 -4.38
C ASP A 10 -5.18 1.74 -4.84
N ALA A 11 -5.36 1.85 -6.15
CA ALA A 11 -6.32 2.80 -6.72
C ALA A 11 -7.74 2.39 -6.34
N LEU A 12 -8.02 1.09 -6.42
CA LEU A 12 -9.34 0.57 -6.08
C LEU A 12 -9.63 0.84 -4.61
N ASN A 13 -8.65 0.54 -3.76
CA ASN A 13 -8.82 0.75 -2.32
C ASN A 13 -8.97 2.22 -1.95
N GLN A 14 -8.22 3.09 -2.61
CA GLN A 14 -8.32 4.52 -2.31
C GLN A 14 -9.67 5.07 -2.75
N SER A 15 -10.15 4.63 -3.92
CA SER A 15 -11.45 5.11 -4.41
C SER A 15 -12.54 4.68 -3.44
N LEU A 16 -12.38 3.50 -2.84
CA LEU A 16 -13.36 2.98 -1.89
C LEU A 16 -13.34 3.87 -0.64
N ALA A 17 -12.14 4.19 -0.17
CA ALA A 17 -12.00 5.02 1.01
C ALA A 17 -12.63 6.40 0.82
N GLU A 18 -12.72 6.84 -0.44
CA GLU A 18 -13.29 8.15 -0.73
C GLU A 18 -14.81 8.17 -0.96
N VAL A 19 -15.46 7.02 -0.86
CA VAL A 19 -16.90 6.96 -1.04
C VAL A 19 -17.61 7.21 0.28
N GLN A 20 -16.82 7.23 1.36
CA GLN A 20 -17.33 7.44 2.71
C GLN A 20 -18.46 8.46 2.79
N GLY A 21 -19.64 8.00 3.19
CA GLY A 21 -20.79 8.87 3.34
C GLY A 21 -21.56 9.17 2.06
N GLN A 22 -21.50 8.27 1.08
CA GLN A 22 -22.21 8.49 -0.18
C GLN A 22 -22.95 7.25 -0.66
N ILE A 23 -22.87 6.18 0.11
CA ILE A 23 -23.52 4.93 -0.26
C ILE A 23 -24.72 4.64 0.64
N ASN A 24 -25.82 4.21 0.03
CA ASN A 24 -27.02 3.88 0.78
C ASN A 24 -27.07 2.37 0.96
N VAL A 25 -27.50 1.94 2.15
CA VAL A 25 -27.59 0.52 2.42
C VAL A 25 -28.93 0.15 3.05
N SER A 26 -29.40 -1.04 2.75
CA SER A 26 -30.65 -1.56 3.29
C SER A 26 -30.36 -2.96 3.81
N PHE A 27 -31.08 -3.36 4.86
CA PHE A 27 -30.88 -4.68 5.46
C PHE A 27 -32.17 -5.48 5.43
N GLN A 28 -32.04 -6.77 5.14
CA GLN A 28 -33.20 -7.65 5.10
C GLN A 28 -33.14 -8.66 6.24
N PHE A 29 -34.27 -8.82 6.94
CA PHE A 29 -34.36 -9.76 8.06
C PHE A 29 -35.54 -10.71 7.81
N PHE A 30 -35.64 -11.74 8.65
CA PHE A 30 -36.75 -12.68 8.53
C PHE A 30 -37.35 -12.93 9.92
N PRO A 31 -38.65 -13.27 9.97
CA PRO A 31 -39.30 -13.53 11.26
C PRO A 31 -38.62 -14.67 12.01
N PRO A 32 -38.15 -14.40 13.23
CA PRO A 32 -37.49 -15.44 14.03
C PRO A 32 -38.45 -16.59 14.34
N ARG A 33 -37.91 -17.79 14.41
CA ARG A 33 -38.71 -18.98 14.69
C ARG A 33 -38.49 -19.51 16.10
N THR A 34 -37.51 -18.96 16.81
CA THR A 34 -37.22 -19.38 18.17
C THR A 34 -36.94 -18.18 19.07
N SER A 35 -36.83 -18.43 20.37
CA SER A 35 -36.55 -17.38 21.34
C SER A 35 -35.12 -16.88 21.17
N GLU A 36 -34.22 -17.80 20.83
CA GLU A 36 -32.82 -17.45 20.63
C GLU A 36 -32.67 -16.50 19.44
N MET A 37 -33.38 -16.81 18.35
CA MET A 37 -33.32 -15.99 17.16
C MET A 37 -33.99 -14.63 17.38
N GLU A 38 -35.05 -14.63 18.18
CA GLU A 38 -35.78 -13.41 18.50
C GLU A 38 -34.80 -12.41 19.10
N GLN A 39 -34.05 -12.86 20.10
CA GLN A 39 -33.07 -12.01 20.76
C GLN A 39 -31.96 -11.59 19.80
N THR A 40 -31.47 -12.54 19.01
CA THR A 40 -30.41 -12.27 18.04
C THR A 40 -30.85 -11.19 17.06
N LEU A 41 -32.09 -11.30 16.60
CA LEU A 41 -32.65 -10.35 15.66
C LEU A 41 -32.64 -8.92 16.19
N TRP A 42 -33.29 -8.70 17.33
CA TRP A 42 -33.35 -7.37 17.91
C TRP A 42 -31.99 -6.80 18.26
N ASN A 43 -31.02 -7.67 18.51
CA ASN A 43 -29.66 -7.23 18.82
C ASN A 43 -29.04 -6.70 17.53
N SER A 44 -29.29 -7.42 16.43
CA SER A 44 -28.76 -7.05 15.12
C SER A 44 -29.37 -5.76 14.61
N ILE A 45 -30.67 -5.59 14.83
CA ILE A 45 -31.38 -4.39 14.39
C ILE A 45 -30.80 -3.16 15.08
N ASP A 46 -30.50 -3.30 16.37
CA ASP A 46 -29.93 -2.20 17.16
C ASP A 46 -28.54 -1.86 16.63
N ARG A 47 -27.75 -2.89 16.37
CA ARG A 47 -26.39 -2.74 15.87
C ARG A 47 -26.41 -2.10 14.48
N LEU A 48 -27.20 -2.68 13.58
CA LEU A 48 -27.28 -2.18 12.21
C LEU A 48 -28.00 -0.84 12.09
N SER A 49 -28.90 -0.54 13.03
CA SER A 49 -29.64 0.71 12.98
C SER A 49 -28.72 1.91 13.14
N SER A 50 -27.59 1.71 13.82
CA SER A 50 -26.63 2.80 14.02
C SER A 50 -25.96 3.19 12.72
N LEU A 51 -26.14 2.38 11.68
CA LEU A 51 -25.54 2.67 10.38
C LEU A 51 -26.48 3.54 9.54
N LYS A 52 -27.64 3.86 10.10
CA LYS A 52 -28.63 4.70 9.43
C LYS A 52 -28.96 4.20 8.02
N PRO A 53 -29.48 2.97 7.90
CA PRO A 53 -29.83 2.41 6.60
C PRO A 53 -31.00 3.14 5.93
N LYS A 54 -31.01 3.16 4.60
CA LYS A 54 -32.07 3.81 3.85
C LYS A 54 -33.41 3.21 4.28
N PHE A 55 -33.38 1.91 4.55
CA PHE A 55 -34.56 1.18 4.98
C PHE A 55 -34.17 -0.26 5.27
N VAL A 56 -35.06 -0.99 5.93
CA VAL A 56 -34.82 -2.39 6.25
C VAL A 56 -36.10 -3.13 5.86
N SER A 57 -36.00 -4.40 5.52
CA SER A 57 -37.18 -5.17 5.14
C SER A 57 -37.29 -6.48 5.91
N VAL A 58 -38.49 -7.05 5.93
CA VAL A 58 -38.76 -8.30 6.61
C VAL A 58 -39.50 -9.25 5.69
N THR A 59 -38.92 -10.41 5.45
CA THR A 59 -39.50 -11.43 4.58
C THR A 59 -40.85 -11.93 5.07
N TYR A 60 -41.55 -12.65 4.19
CA TYR A 60 -42.85 -13.22 4.49
C TYR A 60 -43.03 -14.52 3.72
N GLY A 61 -43.04 -15.64 4.44
CA GLY A 61 -43.20 -16.94 3.80
C GLY A 61 -44.66 -17.33 3.68
N ARG A 69 -46.74 -12.45 11.51
CA ARG A 69 -45.72 -11.99 12.44
C ARG A 69 -44.89 -10.87 11.84
N THR A 70 -44.86 -10.82 10.50
CA THR A 70 -44.11 -9.80 9.79
C THR A 70 -44.61 -8.41 10.14
N HIS A 71 -45.93 -8.25 10.19
CA HIS A 71 -46.54 -6.96 10.52
C HIS A 71 -46.04 -6.50 11.89
N SER A 72 -45.92 -7.44 12.82
CA SER A 72 -45.46 -7.14 14.16
C SER A 72 -44.01 -6.65 14.15
N ILE A 73 -43.16 -7.40 13.45
CA ILE A 73 -41.75 -7.06 13.35
C ILE A 73 -41.59 -5.64 12.81
N ILE A 74 -42.28 -5.34 11.72
CA ILE A 74 -42.22 -4.02 11.10
C ILE A 74 -42.53 -2.92 12.12
N LYS A 75 -43.67 -3.05 12.80
CA LYS A 75 -44.07 -2.06 13.80
C LYS A 75 -43.02 -1.96 14.91
N GLY A 76 -42.55 -3.12 15.37
CA GLY A 76 -41.54 -3.14 16.42
C GLY A 76 -40.29 -2.38 16.03
N ILE A 77 -39.82 -2.61 14.82
CA ILE A 77 -38.62 -1.95 14.32
C ILE A 77 -38.84 -0.44 14.17
N LYS A 78 -40.01 -0.08 13.65
CA LYS A 78 -40.35 1.33 13.46
C LYS A 78 -40.49 2.06 14.79
N ASP A 79 -41.17 1.42 15.74
CA ASP A 79 -41.39 2.00 17.06
C ASP A 79 -40.17 1.89 17.98
N ARG A 80 -39.06 1.43 17.43
CA ARG A 80 -37.85 1.27 18.24
C ARG A 80 -36.64 1.99 17.65
N THR A 81 -36.60 2.11 16.32
CA THR A 81 -35.49 2.76 15.65
C THR A 81 -35.95 3.92 14.76
N GLY A 82 -37.20 3.84 14.30
CA GLY A 82 -37.73 4.89 13.45
C GLY A 82 -37.25 4.76 12.01
N LEU A 83 -36.84 3.56 11.63
CA LEU A 83 -36.35 3.30 10.28
C LEU A 83 -37.53 2.91 9.40
N GLU A 84 -37.37 3.07 8.09
CA GLU A 84 -38.42 2.71 7.14
C GLU A 84 -38.43 1.19 6.98
N ALA A 85 -39.33 0.53 7.70
CA ALA A 85 -39.45 -0.93 7.66
C ALA A 85 -40.42 -1.35 6.56
N ALA A 86 -39.89 -1.93 5.49
CA ALA A 86 -40.71 -2.37 4.37
C ALA A 86 -41.00 -3.87 4.43
N PRO A 87 -42.26 -4.23 4.68
CA PRO A 87 -42.63 -5.65 4.75
C PRO A 87 -42.72 -6.26 3.36
N HIS A 88 -42.40 -7.55 3.26
CA HIS A 88 -42.49 -8.23 1.96
C HIS A 88 -43.90 -8.79 1.83
N LEU A 89 -44.43 -8.78 0.62
CA LEU A 89 -45.78 -9.28 0.35
C LEU A 89 -45.75 -10.16 -0.90
N THR A 90 -46.38 -11.32 -0.82
CA THR A 90 -46.40 -12.25 -1.94
C THR A 90 -47.82 -12.51 -2.45
N CYS A 91 -47.92 -13.26 -3.55
CA CYS A 91 -49.20 -13.60 -4.15
C CYS A 91 -49.56 -15.05 -3.83
N ILE A 92 -49.08 -15.54 -2.69
CA ILE A 92 -49.35 -16.90 -2.28
C ILE A 92 -50.39 -16.95 -1.16
N ASP A 93 -51.33 -17.88 -1.27
CA ASP A 93 -52.38 -18.04 -0.27
C ASP A 93 -53.11 -16.74 -0.02
N ALA A 94 -53.39 -16.01 -1.10
CA ALA A 94 -54.09 -14.73 -0.99
C ALA A 94 -54.85 -14.44 -2.29
N THR A 95 -56.02 -13.83 -2.14
CA THR A 95 -56.85 -13.49 -3.30
C THR A 95 -56.65 -12.03 -3.70
N PRO A 96 -56.81 -11.72 -5.00
CA PRO A 96 -56.66 -10.36 -5.53
C PRO A 96 -57.41 -9.30 -4.73
N ASP A 97 -58.41 -9.73 -3.97
CA ASP A 97 -59.21 -8.82 -3.17
C ASP A 97 -58.70 -8.78 -1.74
N GLU A 98 -58.15 -9.89 -1.27
CA GLU A 98 -57.64 -10.00 0.09
C GLU A 98 -56.28 -9.31 0.20
N LEU A 99 -55.59 -9.17 -0.93
CA LEU A 99 -54.29 -8.51 -0.96
C LEU A 99 -54.46 -7.00 -0.88
N ARG A 100 -55.70 -6.54 -0.96
CA ARG A 100 -56.00 -5.12 -0.90
C ARG A 100 -56.20 -4.65 0.53
N THR A 101 -56.92 -5.46 1.32
CA THR A 101 -57.15 -5.11 2.72
C THR A 101 -55.82 -5.09 3.46
N ILE A 102 -54.93 -6.00 3.06
CA ILE A 102 -53.61 -6.08 3.67
C ILE A 102 -52.76 -4.90 3.17
N ALA A 103 -53.13 -4.37 2.02
CA ALA A 103 -52.41 -3.26 1.41
C ALA A 103 -52.73 -1.89 1.99
N ARG A 104 -53.98 -1.59 2.29
CA ARG A 104 -54.33 -0.29 2.85
C ARG A 104 -54.04 -0.27 4.34
N ASP A 105 -54.01 -1.45 4.97
CA ASP A 105 -53.74 -1.50 6.41
C ASP A 105 -52.35 -0.92 6.61
N TYR A 106 -51.39 -1.29 5.76
CA TYR A 106 -50.04 -0.78 5.91
C TYR A 106 -49.99 0.75 5.79
N TRP A 107 -50.62 1.30 4.76
CA TRP A 107 -50.60 2.76 4.60
C TRP A 107 -51.23 3.49 5.78
N ASN A 108 -52.28 2.91 6.35
CA ASN A 108 -52.95 3.51 7.51
C ASN A 108 -52.25 3.11 8.80
N ASN A 109 -50.95 2.85 8.70
CA ASN A 109 -50.17 2.44 9.87
C ASN A 109 -48.74 2.99 9.78
N GLY A 110 -48.44 3.69 8.69
CA GLY A 110 -47.12 4.26 8.50
C GLY A 110 -46.25 3.52 7.50
N ILE A 111 -46.75 2.39 6.99
CA ILE A 111 -46.00 1.60 6.03
C ILE A 111 -46.28 2.09 4.61
N ARG A 112 -45.30 2.75 4.00
CA ARG A 112 -45.45 3.26 2.65
C ARG A 112 -44.53 2.55 1.66
N HIS A 113 -43.66 1.69 2.18
CA HIS A 113 -42.73 0.93 1.36
C HIS A 113 -43.03 -0.56 1.50
N ILE A 114 -43.21 -1.23 0.37
CA ILE A 114 -43.50 -2.65 0.37
C ILE A 114 -42.72 -3.38 -0.73
N VAL A 115 -42.18 -4.54 -0.39
CA VAL A 115 -41.43 -5.34 -1.36
C VAL A 115 -42.42 -6.33 -1.96
N ALA A 116 -42.84 -6.06 -3.20
CA ALA A 116 -43.81 -6.91 -3.89
C ALA A 116 -43.19 -8.06 -4.67
N LEU A 117 -43.63 -9.28 -4.34
CA LEU A 117 -43.14 -10.48 -5.01
C LEU A 117 -44.30 -11.45 -5.22
N ARG A 118 -44.09 -12.45 -6.08
CA ARG A 118 -45.12 -13.44 -6.32
C ARG A 118 -45.08 -14.43 -5.17
N GLY A 119 -43.87 -14.74 -4.73
CA GLY A 119 -43.68 -15.66 -3.63
C GLY A 119 -43.23 -17.04 -4.04
N ASP A 120 -42.48 -17.69 -3.16
CA ASP A 120 -42.00 -19.05 -3.41
C ASP A 120 -43.23 -19.93 -3.41
N LEU A 121 -43.28 -20.89 -4.33
CA LEU A 121 -44.44 -21.79 -4.44
C LEU A 121 -44.41 -22.87 -3.36
N PRO A 122 -45.50 -22.99 -2.58
CA PRO A 122 -45.59 -23.99 -1.52
C PRO A 122 -45.22 -25.38 -2.03
N PRO A 123 -44.47 -26.16 -1.24
CA PRO A 123 -44.05 -27.51 -1.61
C PRO A 123 -45.14 -28.34 -2.29
N GLY A 124 -46.38 -28.13 -1.87
CA GLY A 124 -47.49 -28.87 -2.45
C GLY A 124 -47.60 -28.67 -3.95
N PRO A 128 -50.39 -19.50 -9.38
CA PRO A 128 -51.58 -18.70 -9.72
C PRO A 128 -51.41 -17.94 -11.02
N GLU A 129 -52.51 -17.36 -11.51
CA GLU A 129 -52.49 -16.59 -12.75
C GLU A 129 -52.11 -15.14 -12.43
N MET A 130 -51.69 -14.91 -11.18
CA MET A 130 -51.30 -13.59 -10.74
C MET A 130 -49.81 -13.52 -10.41
N TYR A 131 -49.06 -12.76 -11.20
CA TYR A 131 -47.63 -12.61 -10.97
C TYR A 131 -47.30 -11.35 -10.19
N ALA A 132 -46.01 -11.10 -9.99
CA ALA A 132 -45.55 -9.93 -9.26
C ALA A 132 -46.00 -8.65 -9.96
N SER A 133 -45.87 -8.62 -11.29
CA SER A 133 -46.28 -7.45 -12.04
C SER A 133 -47.75 -7.16 -11.72
N ASP A 134 -48.55 -8.21 -11.66
CA ASP A 134 -49.97 -8.08 -11.35
C ASP A 134 -50.13 -7.53 -9.94
N LEU A 135 -49.19 -7.89 -9.05
CA LEU A 135 -49.24 -7.43 -7.67
C LEU A 135 -48.85 -5.96 -7.55
N VAL A 136 -47.85 -5.56 -8.32
CA VAL A 136 -47.40 -4.18 -8.31
C VAL A 136 -48.55 -3.25 -8.70
N THR A 137 -49.22 -3.59 -9.79
CA THR A 137 -50.35 -2.79 -10.29
C THR A 137 -51.49 -2.73 -9.27
N LEU A 138 -51.71 -3.85 -8.60
CA LEU A 138 -52.75 -4.01 -7.57
C LEU A 138 -52.45 -3.17 -6.31
N LEU A 139 -51.25 -2.59 -6.23
CA LEU A 139 -50.83 -1.76 -5.08
C LEU A 139 -50.83 -0.26 -5.36
N LYS A 140 -50.37 0.12 -6.55
CA LYS A 140 -50.29 1.52 -6.97
C LYS A 140 -51.62 2.27 -6.85
N GLU A 141 -52.71 1.59 -7.16
CA GLU A 141 -54.04 2.17 -7.08
C GLU A 141 -54.50 2.37 -5.63
N VAL A 142 -54.37 1.33 -4.81
CA VAL A 142 -54.77 1.41 -3.42
C VAL A 142 -54.20 2.70 -2.91
N ALA A 143 -52.89 2.81 -3.13
CA ALA A 143 -52.14 3.96 -2.75
C ALA A 143 -50.83 4.01 -3.56
N ASP A 144 -50.09 5.10 -3.39
CA ASP A 144 -48.84 5.34 -4.09
C ASP A 144 -47.69 4.83 -3.22
N PHE A 145 -47.58 3.50 -3.09
CA PHE A 145 -46.52 2.92 -2.27
C PHE A 145 -45.20 2.93 -3.01
N ASP A 146 -44.12 2.70 -2.26
CA ASP A 146 -42.79 2.61 -2.84
C ASP A 146 -42.67 1.11 -3.10
N ILE A 147 -42.73 0.72 -4.36
CA ILE A 147 -42.64 -0.70 -4.69
C ILE A 147 -41.24 -1.12 -5.12
N SER A 148 -40.73 -2.16 -4.47
CA SER A 148 -39.43 -2.71 -4.80
C SER A 148 -39.68 -4.15 -5.23
N VAL A 149 -39.06 -4.56 -6.33
CA VAL A 149 -39.26 -5.91 -6.84
C VAL A 149 -37.94 -6.66 -6.99
N ALA A 150 -38.06 -7.96 -7.22
CA ALA A 150 -36.89 -8.82 -7.37
C ALA A 150 -36.43 -8.88 -8.81
N ALA A 151 -35.11 -8.84 -8.99
CA ALA A 151 -34.50 -8.92 -10.31
C ALA A 151 -33.55 -10.11 -10.27
N TYR A 152 -33.40 -10.80 -11.40
CA TYR A 152 -32.54 -11.98 -11.45
C TYR A 152 -31.44 -11.90 -12.51
N PRO A 153 -30.24 -11.47 -12.11
CA PRO A 153 -29.10 -11.34 -13.01
C PRO A 153 -28.82 -12.64 -13.77
N GLU A 154 -29.10 -13.76 -13.13
CA GLU A 154 -28.85 -15.05 -13.74
C GLU A 154 -30.13 -15.75 -14.22
N VAL A 155 -31.20 -14.97 -14.29
CA VAL A 155 -32.50 -15.44 -14.77
C VAL A 155 -33.25 -16.36 -13.81
N HIS A 156 -34.50 -16.03 -13.55
CA HIS A 156 -35.34 -16.82 -12.66
C HIS A 156 -35.52 -18.22 -13.22
N PRO A 157 -35.44 -19.24 -12.35
CA PRO A 157 -35.58 -20.65 -12.73
C PRO A 157 -36.77 -20.96 -13.66
N GLU A 158 -37.91 -20.34 -13.38
CA GLU A 158 -39.11 -20.57 -14.16
C GLU A 158 -39.19 -19.83 -15.50
N ALA A 159 -38.42 -18.75 -15.63
CA ALA A 159 -38.43 -17.96 -16.86
C ALA A 159 -38.10 -18.81 -18.07
N LYS A 160 -38.81 -18.58 -19.18
CA LYS A 160 -38.59 -19.33 -20.41
C LYS A 160 -37.28 -18.93 -21.08
N SER A 161 -36.84 -17.69 -20.83
CA SER A 161 -35.60 -17.19 -21.41
C SER A 161 -35.13 -15.94 -20.67
N ALA A 162 -33.88 -15.57 -20.89
CA ALA A 162 -33.31 -14.39 -20.25
C ALA A 162 -34.06 -13.14 -20.69
N GLN A 163 -34.28 -13.01 -21.99
CA GLN A 163 -34.99 -11.85 -22.53
C GLN A 163 -36.40 -11.78 -21.97
N ALA A 164 -37.09 -12.92 -21.93
CA ALA A 164 -38.44 -12.96 -21.40
C ALA A 164 -38.45 -12.54 -19.94
N ASP A 165 -37.44 -12.98 -19.19
CA ASP A 165 -37.33 -12.63 -17.78
C ASP A 165 -37.05 -11.14 -17.65
N LEU A 166 -36.22 -10.60 -18.54
CA LEU A 166 -35.88 -9.18 -18.52
C LEU A 166 -37.10 -8.31 -18.80
N LEU A 167 -37.88 -8.70 -19.80
CA LEU A 167 -39.08 -7.97 -20.16
C LEU A 167 -40.06 -7.95 -19.00
N ASN A 168 -40.08 -9.03 -18.22
CA ASN A 168 -40.97 -9.11 -17.06
C ASN A 168 -40.60 -8.06 -16.03
N LEU A 169 -39.30 -7.91 -15.76
CA LEU A 169 -38.85 -6.92 -14.80
C LEU A 169 -39.31 -5.54 -15.27
N LYS A 170 -39.17 -5.29 -16.56
CA LYS A 170 -39.59 -4.01 -17.13
C LYS A 170 -41.08 -3.82 -16.88
N ARG A 171 -41.85 -4.88 -17.07
CA ARG A 171 -43.29 -4.84 -16.86
C ARG A 171 -43.57 -4.49 -15.40
N LYS A 172 -42.79 -5.07 -14.49
CA LYS A 172 -42.97 -4.82 -13.07
C LYS A 172 -42.60 -3.39 -12.72
N VAL A 173 -41.59 -2.86 -13.40
CA VAL A 173 -41.16 -1.48 -13.16
C VAL A 173 -42.21 -0.51 -13.68
N ASP A 174 -42.66 -0.70 -14.91
CA ASP A 174 -43.66 0.19 -15.48
C ASP A 174 -44.95 0.17 -14.68
N ALA A 175 -45.21 -0.93 -13.98
CA ALA A 175 -46.40 -1.05 -13.17
C ALA A 175 -46.33 -0.11 -11.97
N GLY A 176 -45.12 0.27 -11.57
CA GLY A 176 -44.97 1.18 -10.45
C GLY A 176 -43.78 0.91 -9.55
N ALA A 177 -43.02 -0.14 -9.85
CA ALA A 177 -41.84 -0.48 -9.06
C ALA A 177 -40.78 0.60 -9.24
N ASN A 178 -40.41 1.26 -8.15
CA ASN A 178 -39.40 2.32 -8.20
C ASN A 178 -37.98 1.83 -7.96
N ARG A 179 -37.82 0.52 -7.79
CA ARG A 179 -36.50 -0.06 -7.58
C ARG A 179 -36.53 -1.58 -7.65
N ALA A 180 -35.41 -2.16 -8.06
CA ALA A 180 -35.29 -3.61 -8.15
C ALA A 180 -34.12 -4.06 -7.30
N ILE A 181 -34.31 -5.18 -6.60
CA ILE A 181 -33.28 -5.76 -5.74
C ILE A 181 -32.97 -7.14 -6.33
N THR A 182 -31.70 -7.39 -6.63
CA THR A 182 -31.32 -8.64 -7.25
C THR A 182 -31.23 -9.84 -6.31
N GLN A 183 -31.35 -11.03 -6.91
CA GLN A 183 -31.19 -12.28 -6.21
C GLN A 183 -29.70 -12.21 -5.88
N PHE A 184 -29.25 -12.89 -4.84
CA PHE A 184 -27.82 -12.81 -4.54
C PHE A 184 -27.04 -13.47 -5.68
N PHE A 185 -25.78 -13.10 -5.81
CA PHE A 185 -24.92 -13.65 -6.86
C PHE A 185 -23.47 -13.57 -6.38
N PHE A 186 -22.60 -14.32 -7.04
CA PHE A 186 -21.19 -14.30 -6.68
C PHE A 186 -20.32 -13.99 -7.89
N ASP A 187 -20.94 -14.05 -9.07
CA ASP A 187 -20.24 -13.75 -10.31
C ASP A 187 -20.56 -12.29 -10.61
N VAL A 188 -19.62 -11.40 -10.28
CA VAL A 188 -19.81 -9.97 -10.48
C VAL A 188 -20.07 -9.60 -11.94
N GLU A 189 -19.38 -10.27 -12.87
CA GLU A 189 -19.54 -10.00 -14.29
C GLU A 189 -21.00 -10.20 -14.73
N SER A 190 -21.62 -11.26 -14.22
CA SER A 190 -23.01 -11.57 -14.55
C SER A 190 -23.93 -10.41 -14.16
N TYR A 191 -23.71 -9.84 -12.99
CA TYR A 191 -24.51 -8.72 -12.53
C TYR A 191 -24.31 -7.49 -13.40
N LEU A 192 -23.05 -7.20 -13.73
CA LEU A 192 -22.70 -6.04 -14.55
C LEU A 192 -23.27 -6.15 -15.96
N ARG A 193 -23.16 -7.33 -16.57
CA ARG A 193 -23.70 -7.53 -17.91
C ARG A 193 -25.22 -7.37 -17.86
N PHE A 194 -25.84 -7.84 -16.78
CA PHE A 194 -27.28 -7.75 -16.61
C PHE A 194 -27.70 -6.29 -16.43
N ARG A 195 -26.93 -5.54 -15.65
CA ARG A 195 -27.22 -4.13 -15.41
C ARG A 195 -27.21 -3.35 -16.73
N ASP A 196 -26.28 -3.72 -17.61
CA ASP A 196 -26.18 -3.07 -18.91
C ASP A 196 -27.41 -3.43 -19.76
N ARG A 197 -27.80 -4.70 -19.72
CA ARG A 197 -28.96 -5.18 -20.48
C ARG A 197 -30.23 -4.46 -20.05
N CYS A 198 -30.34 -4.16 -18.75
CA CYS A 198 -31.51 -3.47 -18.22
C CYS A 198 -31.64 -2.06 -18.81
N VAL A 199 -30.54 -1.33 -18.87
CA VAL A 199 -30.58 0.02 -19.41
C VAL A 199 -30.95 -0.03 -20.89
N SER A 200 -30.40 -1.00 -21.60
CA SER A 200 -30.67 -1.17 -23.03
C SER A 200 -32.13 -1.50 -23.27
N ALA A 201 -32.77 -2.09 -22.26
CA ALA A 201 -34.17 -2.47 -22.35
C ALA A 201 -35.09 -1.33 -21.93
N GLY A 202 -34.49 -0.20 -21.56
CA GLY A 202 -35.29 0.94 -21.16
C GLY A 202 -35.70 0.99 -19.71
N ILE A 203 -35.14 0.14 -18.87
CA ILE A 203 -35.47 0.12 -17.45
C ILE A 203 -34.68 1.23 -16.77
N ASP A 204 -35.39 2.25 -16.28
CA ASP A 204 -34.74 3.40 -15.66
C ASP A 204 -34.61 3.38 -14.14
N VAL A 205 -34.64 2.19 -13.54
CA VAL A 205 -34.50 2.10 -12.10
C VAL A 205 -33.15 1.45 -11.80
N GLU A 206 -32.58 1.77 -10.65
CA GLU A 206 -31.30 1.18 -10.29
C GLU A 206 -31.54 -0.29 -9.95
N ILE A 207 -30.58 -1.13 -10.32
CA ILE A 207 -30.66 -2.56 -10.05
C ILE A 207 -29.78 -2.82 -8.83
N ILE A 208 -30.38 -2.67 -7.65
CA ILE A 208 -29.68 -2.84 -6.38
C ILE A 208 -29.21 -4.27 -6.12
N PRO A 209 -27.89 -4.46 -6.01
CA PRO A 209 -27.38 -5.81 -5.76
C PRO A 209 -27.70 -6.30 -4.35
N GLY A 210 -28.28 -7.49 -4.27
CA GLY A 210 -28.59 -8.09 -2.97
C GLY A 210 -27.34 -8.88 -2.64
N ILE A 211 -26.69 -8.54 -1.53
CA ILE A 211 -25.47 -9.21 -1.15
C ILE A 211 -25.69 -10.23 -0.04
N LEU A 212 -25.22 -11.46 -0.26
CA LEU A 212 -25.36 -12.51 0.74
C LEU A 212 -23.97 -12.85 1.27
N PRO A 213 -23.63 -12.36 2.48
CA PRO A 213 -22.32 -12.66 3.06
C PRO A 213 -22.38 -14.13 3.46
N VAL A 214 -21.49 -14.94 2.91
CA VAL A 214 -21.52 -16.37 3.21
C VAL A 214 -20.61 -16.83 4.35
N SER A 215 -21.23 -17.48 5.35
CA SER A 215 -20.52 -18.03 6.49
C SER A 215 -20.68 -19.54 6.41
N ASN A 216 -21.87 -19.96 6.02
CA ASN A 216 -22.17 -21.39 5.88
C ASN A 216 -22.29 -21.71 4.39
N PHE A 217 -21.19 -22.15 3.79
CA PHE A 217 -21.17 -22.46 2.38
C PHE A 217 -22.10 -23.61 2.01
N LYS A 218 -22.01 -24.71 2.76
CA LYS A 218 -22.86 -25.86 2.49
C LYS A 218 -24.31 -25.45 2.28
N GLN A 219 -24.84 -24.65 3.20
CA GLN A 219 -26.22 -24.19 3.11
C GLN A 219 -26.43 -23.17 1.99
N ALA A 220 -25.49 -22.24 1.83
CA ALA A 220 -25.61 -21.23 0.79
C ALA A 220 -25.64 -21.91 -0.58
N LYS A 221 -24.77 -22.91 -0.76
CA LYS A 221 -24.70 -23.64 -2.02
C LYS A 221 -26.01 -24.35 -2.35
N LYS A 222 -26.65 -24.92 -1.33
CA LYS A 222 -27.92 -25.60 -1.54
C LYS A 222 -28.99 -24.60 -1.98
N PHE A 223 -28.99 -23.43 -1.34
CA PHE A 223 -29.96 -22.39 -1.65
C PHE A 223 -29.70 -21.88 -3.07
N ALA A 224 -28.42 -21.78 -3.42
CA ALA A 224 -28.01 -21.32 -4.75
C ALA A 224 -28.47 -22.27 -5.86
N ASP A 225 -28.31 -23.58 -5.62
CA ASP A 225 -28.71 -24.57 -6.62
C ASP A 225 -30.22 -24.52 -6.80
N MET A 226 -30.93 -24.15 -5.73
CA MET A 226 -32.38 -24.08 -5.74
C MET A 226 -32.91 -22.84 -6.46
N THR A 227 -32.12 -21.77 -6.46
CA THR A 227 -32.53 -20.52 -7.10
C THR A 227 -31.78 -20.22 -8.40
N ASN A 228 -31.06 -21.21 -8.90
CA ASN A 228 -30.31 -21.05 -10.14
C ASN A 228 -29.23 -19.97 -10.04
N VAL A 229 -28.57 -19.90 -8.89
CA VAL A 229 -27.49 -18.93 -8.69
C VAL A 229 -26.20 -19.71 -8.84
N ARG A 230 -25.34 -19.26 -9.77
CA ARG A 230 -24.09 -19.96 -10.01
C ARG A 230 -23.03 -19.72 -8.95
N ILE A 231 -22.35 -20.79 -8.58
CA ILE A 231 -21.26 -20.72 -7.61
C ILE A 231 -20.00 -20.88 -8.44
N PRO A 232 -19.23 -19.80 -8.61
CA PRO A 232 -17.99 -19.88 -9.39
C PRO A 232 -17.05 -20.96 -8.87
N ALA A 233 -16.27 -21.53 -9.78
CA ALA A 233 -15.32 -22.59 -9.44
C ALA A 233 -14.30 -22.11 -8.40
N TRP A 234 -13.86 -20.87 -8.52
CA TRP A 234 -12.89 -20.34 -7.58
C TRP A 234 -13.50 -20.25 -6.19
N MET A 235 -14.80 -20.00 -6.13
CA MET A 235 -15.51 -19.89 -4.85
C MET A 235 -15.67 -21.26 -4.20
N ALA A 236 -16.02 -22.25 -5.02
CA ALA A 236 -16.20 -23.61 -4.51
C ALA A 236 -14.86 -24.08 -3.95
N GLN A 237 -13.78 -23.76 -4.67
CA GLN A 237 -12.44 -24.17 -4.24
C GLN A 237 -12.03 -23.42 -2.98
N MET A 238 -12.49 -22.17 -2.87
CA MET A 238 -12.17 -21.34 -1.71
C MET A 238 -12.80 -21.90 -0.43
N PHE A 239 -13.97 -22.53 -0.56
CA PHE A 239 -14.64 -23.07 0.62
C PHE A 239 -14.41 -24.57 0.82
N ASP A 240 -13.75 -25.19 -0.14
CA ASP A 240 -13.46 -26.62 -0.04
C ASP A 240 -12.62 -26.92 1.20
N GLY A 241 -13.05 -27.93 1.95
CA GLY A 241 -12.32 -28.34 3.14
C GLY A 241 -12.62 -27.60 4.43
N LEU A 242 -13.61 -26.69 4.39
CA LEU A 242 -13.94 -25.92 5.59
C LEU A 242 -15.25 -26.30 6.26
N ASP A 243 -15.81 -27.45 5.91
CA ASP A 243 -17.06 -27.90 6.50
C ASP A 243 -17.07 -27.82 8.02
N ASP A 244 -15.93 -28.06 8.64
CA ASP A 244 -15.83 -28.03 10.10
C ASP A 244 -14.93 -26.92 10.64
N ASP A 245 -14.85 -25.82 9.91
CA ASP A 245 -14.03 -24.70 10.34
C ASP A 245 -14.78 -23.39 10.15
N ALA A 246 -15.70 -23.12 11.08
CA ALA A 246 -16.52 -21.91 11.03
C ALA A 246 -15.69 -20.63 11.03
N GLU A 247 -14.60 -20.64 11.78
CA GLU A 247 -13.72 -19.47 11.88
C GLU A 247 -13.15 -19.07 10.52
N THR A 248 -12.54 -20.03 9.83
CA THR A 248 -11.96 -19.76 8.52
C THR A 248 -13.04 -19.41 7.50
N ARG A 249 -14.19 -20.07 7.59
CA ARG A 249 -15.30 -19.80 6.67
C ARG A 249 -15.72 -18.33 6.77
N LYS A 250 -15.78 -17.81 7.99
CA LYS A 250 -16.21 -16.42 8.18
C LYS A 250 -15.23 -15.43 7.58
N LEU A 251 -13.93 -15.67 7.77
CA LEU A 251 -12.92 -14.77 7.23
C LEU A 251 -12.90 -14.85 5.70
N VAL A 252 -13.08 -16.06 5.17
CA VAL A 252 -13.11 -16.25 3.73
C VAL A 252 -14.36 -15.62 3.12
N GLY A 253 -15.50 -15.81 3.78
CA GLY A 253 -16.74 -15.25 3.30
C GLY A 253 -16.74 -13.73 3.34
N ALA A 254 -16.17 -13.16 4.39
CA ALA A 254 -16.10 -11.71 4.54
C ALA A 254 -15.23 -11.14 3.42
N ASN A 255 -14.12 -11.83 3.14
CA ASN A 255 -13.19 -11.41 2.09
C ASN A 255 -13.89 -11.35 0.75
N ILE A 256 -14.65 -12.41 0.43
CA ILE A 256 -15.38 -12.48 -0.83
C ILE A 256 -16.39 -11.34 -0.98
N ALA A 257 -17.15 -11.08 0.08
CA ALA A 257 -18.17 -10.03 0.06
C ALA A 257 -17.54 -8.65 -0.03
N MET A 258 -16.44 -8.44 0.70
CA MET A 258 -15.78 -7.13 0.68
C MET A 258 -15.19 -6.85 -0.70
N ASP A 259 -14.63 -7.88 -1.32
CA ASP A 259 -14.04 -7.72 -2.64
C ASP A 259 -15.16 -7.37 -3.62
N MET A 260 -16.31 -8.01 -3.44
CA MET A 260 -17.46 -7.77 -4.31
C MET A 260 -17.97 -6.33 -4.28
N VAL A 261 -18.29 -5.83 -3.08
CA VAL A 261 -18.80 -4.48 -2.97
C VAL A 261 -17.78 -3.42 -3.38
N LYS A 262 -16.50 -3.77 -3.26
CA LYS A 262 -15.43 -2.85 -3.64
C LYS A 262 -15.43 -2.66 -5.16
N ILE A 263 -15.56 -3.77 -5.88
CA ILE A 263 -15.59 -3.73 -7.33
C ILE A 263 -16.88 -3.06 -7.79
N LEU A 264 -18.00 -3.42 -7.17
CA LEU A 264 -19.30 -2.84 -7.51
C LEU A 264 -19.31 -1.33 -7.28
N SER A 265 -18.68 -0.90 -6.19
CA SER A 265 -18.62 0.52 -5.85
C SER A 265 -17.88 1.31 -6.95
N ARG A 266 -16.77 0.75 -7.45
CA ARG A 266 -16.00 1.44 -8.48
C ARG A 266 -16.77 1.48 -9.80
N GLU A 267 -17.73 0.58 -9.96
CA GLU A 267 -18.53 0.55 -11.17
C GLU A 267 -19.73 1.49 -11.08
N GLY A 268 -19.80 2.25 -9.99
CA GLY A 268 -20.89 3.20 -9.82
C GLY A 268 -22.04 2.76 -8.93
N VAL A 269 -21.99 1.55 -8.40
CA VAL A 269 -23.06 1.10 -7.53
C VAL A 269 -22.97 1.85 -6.22
N LYS A 270 -24.06 2.54 -5.86
CA LYS A 270 -24.09 3.32 -4.63
C LYS A 270 -25.25 2.84 -3.75
N ASP A 271 -25.78 1.67 -4.08
CA ASP A 271 -26.88 1.10 -3.32
C ASP A 271 -26.65 -0.39 -3.12
N PHE A 272 -26.77 -0.85 -1.88
CA PHE A 272 -26.58 -2.28 -1.57
C PHE A 272 -27.64 -2.78 -0.60
N HIS A 273 -28.11 -4.00 -0.83
CA HIS A 273 -29.14 -4.63 0.01
C HIS A 273 -28.49 -5.89 0.59
N PHE A 274 -28.45 -6.00 1.91
CA PHE A 274 -27.83 -7.14 2.57
C PHE A 274 -28.77 -8.17 3.14
N TYR A 275 -28.55 -9.43 2.76
CA TYR A 275 -29.31 -10.56 3.26
C TYR A 275 -28.53 -10.95 4.52
N THR A 276 -28.86 -10.31 5.63
CA THR A 276 -28.18 -10.52 6.91
C THR A 276 -28.42 -11.86 7.59
N LEU A 277 -29.53 -12.51 7.27
CA LEU A 277 -29.88 -13.77 7.92
C LEU A 277 -29.99 -13.51 9.43
N ASN A 278 -30.43 -12.29 9.75
CA ASN A 278 -30.62 -11.81 11.11
C ASN A 278 -29.36 -11.63 11.95
N ARG A 279 -28.20 -11.71 11.32
CA ARG A 279 -26.93 -11.54 12.01
C ARG A 279 -26.30 -10.23 11.52
N ALA A 280 -25.75 -9.44 12.44
CA ALA A 280 -25.16 -8.15 12.07
C ALA A 280 -23.66 -8.13 11.76
N GLU A 281 -22.90 -8.99 12.42
CA GLU A 281 -21.44 -9.04 12.26
C GLU A 281 -20.87 -8.84 10.85
N MET A 282 -21.20 -9.74 9.93
CA MET A 282 -20.66 -9.64 8.58
C MET A 282 -21.12 -8.41 7.80
N SER A 283 -22.43 -8.17 7.76
CA SER A 283 -22.95 -7.01 7.04
C SER A 283 -22.41 -5.70 7.61
N TYR A 284 -22.28 -5.65 8.93
CA TYR A 284 -21.78 -4.46 9.60
C TYR A 284 -20.36 -4.15 9.12
N ALA A 285 -19.53 -5.19 9.02
CA ALA A 285 -18.14 -5.05 8.59
C ALA A 285 -18.05 -4.64 7.13
N ILE A 286 -18.87 -5.28 6.29
CA ILE A 286 -18.87 -4.95 4.87
C ILE A 286 -19.25 -3.48 4.72
N CYS A 287 -20.26 -3.04 5.47
CA CYS A 287 -20.68 -1.64 5.41
C CYS A 287 -19.53 -0.73 5.85
N HIS A 288 -18.80 -1.17 6.89
CA HIS A 288 -17.68 -0.37 7.37
C HIS A 288 -16.71 -0.09 6.24
N THR A 289 -16.41 -1.09 5.41
CA THR A 289 -15.48 -0.91 4.30
C THR A 289 -16.03 0.05 3.26
N LEU A 290 -17.36 0.16 3.18
CA LEU A 290 -18.01 1.05 2.22
C LEU A 290 -18.14 2.45 2.79
N GLY A 291 -17.61 2.66 4.00
CA GLY A 291 -17.68 3.97 4.62
C GLY A 291 -18.97 4.22 5.37
N VAL A 292 -19.81 3.20 5.46
CA VAL A 292 -21.09 3.31 6.17
C VAL A 292 -20.78 2.96 7.63
N ARG A 293 -20.64 3.99 8.47
CA ARG A 293 -20.29 3.81 9.87
C ARG A 293 -21.15 4.64 10.83
N PRO A 294 -21.19 4.24 12.11
CA PRO A 294 -21.96 4.96 13.14
C PRO A 294 -21.50 6.40 13.31
N PHE B 3 -8.81 0.34 -17.82
CA PHE B 3 -8.40 1.77 -17.75
C PHE B 3 -7.06 1.85 -17.03
N PHE B 4 -6.07 1.14 -17.58
CA PHE B 4 -4.73 1.07 -17.03
C PHE B 4 -4.07 2.41 -16.76
N HIS B 5 -3.99 3.26 -17.79
CA HIS B 5 -3.37 4.56 -17.64
C HIS B 5 -4.03 5.43 -16.59
N ALA B 6 -5.36 5.41 -16.54
CA ALA B 6 -6.09 6.20 -15.57
C ALA B 6 -5.78 5.70 -14.16
N SER B 7 -5.85 4.39 -13.95
CA SER B 7 -5.58 3.82 -12.64
C SER B 7 -4.14 4.09 -12.20
N GLN B 8 -3.19 3.91 -13.11
CA GLN B 8 -1.79 4.15 -12.82
C GLN B 8 -1.58 5.59 -12.34
N ARG B 9 -2.32 6.52 -12.95
CA ARG B 9 -2.23 7.93 -12.60
C ARG B 9 -2.73 8.17 -11.18
N ASP B 10 -3.92 7.65 -10.86
CA ASP B 10 -4.48 7.83 -9.53
C ASP B 10 -3.57 7.24 -8.47
N ALA B 11 -2.97 6.10 -8.78
CA ALA B 11 -2.07 5.44 -7.83
C ALA B 11 -0.82 6.28 -7.61
N LEU B 12 -0.24 6.76 -8.70
CA LEU B 12 0.96 7.58 -8.64
C LEU B 12 0.69 8.86 -7.85
N ASN B 13 -0.42 9.51 -8.18
CA ASN B 13 -0.81 10.74 -7.50
C ASN B 13 -1.05 10.54 -6.00
N GLN B 14 -1.76 9.47 -5.63
CA GLN B 14 -2.01 9.23 -4.21
C GLN B 14 -0.73 8.94 -3.43
N SER B 15 0.18 8.19 -4.05
CA SER B 15 1.45 7.87 -3.39
C SER B 15 2.23 9.15 -3.13
N LEU B 16 2.24 10.04 -4.12
CA LEU B 16 2.95 11.30 -3.98
C LEU B 16 2.36 12.09 -2.82
N ALA B 17 1.04 12.05 -2.70
CA ALA B 17 0.37 12.79 -1.64
C ALA B 17 0.76 12.24 -0.27
N GLU B 18 1.07 10.95 -0.23
CA GLU B 18 1.44 10.32 1.03
C GLU B 18 2.90 10.45 1.47
N VAL B 19 3.76 11.00 0.62
CA VAL B 19 5.15 11.15 0.99
C VAL B 19 5.40 12.47 1.72
N GLN B 20 4.38 13.30 1.79
CA GLN B 20 4.51 14.59 2.46
C GLN B 20 5.25 14.46 3.80
N GLY B 21 6.20 15.34 4.02
CA GLY B 21 6.98 15.33 5.24
C GLY B 21 8.08 14.29 5.28
N GLN B 22 8.48 13.79 4.12
CA GLN B 22 9.52 12.77 4.06
C GLN B 22 10.62 13.09 3.04
N ILE B 23 10.41 14.15 2.26
CA ILE B 23 11.36 14.53 1.22
C ILE B 23 12.35 15.63 1.65
N ASN B 24 13.63 15.43 1.34
CA ASN B 24 14.67 16.42 1.65
C ASN B 24 15.02 17.12 0.35
N VAL B 25 15.16 18.44 0.38
CA VAL B 25 15.51 19.18 -0.82
C VAL B 25 16.66 20.13 -0.59
N SER B 26 17.33 20.50 -1.68
CA SER B 26 18.44 21.44 -1.64
C SER B 26 18.31 22.32 -2.89
N PHE B 27 18.78 23.55 -2.79
CA PHE B 27 18.69 24.48 -3.91
C PHE B 27 20.04 25.02 -4.32
N GLN B 28 20.25 25.14 -5.63
CA GLN B 28 21.50 25.66 -6.14
C GLN B 28 21.28 27.03 -6.77
N PHE B 29 22.14 27.98 -6.41
CA PHE B 29 22.09 29.33 -6.93
C PHE B 29 23.44 29.66 -7.57
N PHE B 30 23.50 30.80 -8.26
CA PHE B 30 24.75 31.23 -8.87
C PHE B 30 24.91 32.71 -8.55
N PRO B 31 26.16 33.20 -8.51
CA PRO B 31 26.41 34.62 -8.20
C PRO B 31 25.74 35.57 -9.20
N PRO B 32 24.94 36.52 -8.70
CA PRO B 32 24.25 37.47 -9.59
C PRO B 32 25.28 38.34 -10.32
N ARG B 33 24.99 38.69 -11.56
CA ARG B 33 25.90 39.51 -12.36
C ARG B 33 25.38 40.92 -12.56
N THR B 34 24.18 41.19 -12.07
CA THR B 34 23.56 42.51 -12.21
C THR B 34 22.73 42.84 -10.98
N SER B 35 22.35 44.12 -10.87
CA SER B 35 21.53 44.58 -9.77
C SER B 35 20.17 43.85 -9.79
N GLU B 36 19.62 43.69 -10.98
CA GLU B 36 18.34 43.03 -11.15
C GLU B 36 18.39 41.59 -10.65
N MET B 37 19.44 40.87 -11.05
CA MET B 37 19.58 39.48 -10.64
C MET B 37 19.89 39.38 -9.15
N GLU B 38 20.62 40.34 -8.61
CA GLU B 38 20.94 40.34 -7.20
C GLU B 38 19.63 40.36 -6.43
N GLN B 39 18.74 41.27 -6.81
CA GLN B 39 17.45 41.41 -6.17
C GLN B 39 16.63 40.13 -6.31
N THR B 40 16.60 39.59 -7.53
CA THR B 40 15.86 38.36 -7.80
C THR B 40 16.35 37.23 -6.90
N LEU B 41 17.67 37.08 -6.81
CA LEU B 41 18.26 36.03 -5.99
C LEU B 41 17.86 36.10 -4.52
N TRP B 42 17.98 37.27 -3.90
CA TRP B 42 17.62 37.37 -2.50
C TRP B 42 16.13 37.14 -2.28
N ASN B 43 15.32 37.49 -3.27
CA ASN B 43 13.89 37.24 -3.17
C ASN B 43 13.69 35.73 -3.19
N SER B 44 14.40 35.05 -4.09
CA SER B 44 14.29 33.59 -4.21
C SER B 44 14.82 32.90 -2.96
N ILE B 45 15.92 33.40 -2.41
CA ILE B 45 16.50 32.82 -1.21
C ILE B 45 15.53 32.89 -0.03
N ASP B 46 14.86 34.02 0.13
CA ASP B 46 13.90 34.15 1.23
C ASP B 46 12.71 33.22 1.02
N ARG B 47 12.21 33.19 -0.21
CA ARG B 47 11.07 32.36 -0.55
C ARG B 47 11.38 30.88 -0.35
N LEU B 48 12.50 30.42 -0.91
CA LEU B 48 12.89 29.02 -0.79
C LEU B 48 13.37 28.61 0.60
N SER B 49 13.96 29.54 1.35
CA SER B 49 14.44 29.22 2.69
C SER B 49 13.27 28.78 3.59
N SER B 50 12.08 29.28 3.28
CA SER B 50 10.89 28.94 4.06
C SER B 50 10.55 27.46 3.95
N LEU B 51 11.15 26.77 2.98
CA LEU B 51 10.89 25.35 2.80
C LEU B 51 11.85 24.48 3.61
N LYS B 52 12.77 25.13 4.33
CA LYS B 52 13.74 24.43 5.17
C LYS B 52 14.54 23.36 4.44
N PRO B 53 15.30 23.75 3.40
CA PRO B 53 16.11 22.81 2.63
C PRO B 53 17.25 22.27 3.50
N LYS B 54 17.72 21.06 3.22
CA LYS B 54 18.81 20.47 4.00
C LYS B 54 20.02 21.39 3.85
N PHE B 55 20.17 21.97 2.66
CA PHE B 55 21.26 22.90 2.40
C PHE B 55 20.98 23.60 1.08
N VAL B 56 21.80 24.60 0.77
CA VAL B 56 21.71 25.31 -0.50
C VAL B 56 23.16 25.44 -0.93
N SER B 57 23.39 25.64 -2.21
CA SER B 57 24.76 25.78 -2.70
C SER B 57 24.85 26.93 -3.69
N VAL B 58 26.07 27.40 -3.90
CA VAL B 58 26.33 28.51 -4.81
C VAL B 58 27.49 28.15 -5.71
N THR B 59 27.25 28.20 -7.01
CA THR B 59 28.27 27.84 -7.99
C THR B 59 29.45 28.82 -8.05
N TYR B 60 30.53 28.35 -8.63
CA TYR B 60 31.73 29.14 -8.84
C TYR B 60 32.28 28.79 -10.21
N GLY B 61 32.12 29.73 -11.15
CA GLY B 61 32.60 29.48 -12.49
C GLY B 61 34.11 29.31 -12.56
N ALA B 62 34.56 28.13 -12.97
CA ALA B 62 35.99 27.88 -13.09
C ALA B 62 36.61 28.83 -14.12
N ASN B 63 37.86 29.23 -13.88
CA ASN B 63 38.58 30.13 -14.77
C ASN B 63 37.96 31.52 -14.80
N SER B 64 37.04 31.78 -13.88
CA SER B 64 36.37 33.08 -13.85
C SER B 64 37.17 34.10 -13.02
N GLY B 65 37.74 33.64 -11.92
CA GLY B 65 38.50 34.53 -11.06
C GLY B 65 37.58 35.36 -10.20
N GLU B 66 36.34 34.92 -10.07
CA GLU B 66 35.33 35.62 -9.28
C GLU B 66 35.00 34.88 -7.98
N ARG B 67 36.00 34.23 -7.40
CA ARG B 67 35.83 33.49 -6.15
C ARG B 67 35.14 34.30 -5.06
N ASP B 68 35.57 35.56 -4.91
CA ASP B 68 35.02 36.44 -3.88
C ASP B 68 33.49 36.54 -3.93
N ARG B 69 32.93 36.56 -5.13
CA ARG B 69 31.48 36.67 -5.26
C ARG B 69 30.79 35.47 -4.63
N THR B 70 31.27 34.27 -4.95
CA THR B 70 30.71 33.04 -4.40
C THR B 70 30.77 33.08 -2.87
N HIS B 71 31.94 33.44 -2.34
CA HIS B 71 32.12 33.50 -0.90
C HIS B 71 31.20 34.51 -0.23
N SER B 72 31.04 35.67 -0.86
CA SER B 72 30.19 36.73 -0.33
C SER B 72 28.74 36.28 -0.23
N ILE B 73 28.24 35.67 -1.30
CA ILE B 73 26.86 35.18 -1.32
C ILE B 73 26.63 34.12 -0.24
N ILE B 74 27.58 33.20 -0.11
CA ILE B 74 27.47 32.15 0.89
C ILE B 74 27.34 32.74 2.29
N LYS B 75 28.19 33.73 2.57
CA LYS B 75 28.18 34.39 3.87
C LYS B 75 26.82 35.04 4.09
N GLY B 76 26.35 35.76 3.08
CA GLY B 76 25.06 36.44 3.16
C GLY B 76 23.90 35.50 3.45
N ILE B 77 23.91 34.34 2.81
CA ILE B 77 22.86 33.36 3.02
C ILE B 77 22.85 32.85 4.46
N LYS B 78 24.03 32.50 4.96
CA LYS B 78 24.16 32.00 6.33
C LYS B 78 23.67 33.03 7.35
N ASP B 79 24.09 34.27 7.19
CA ASP B 79 23.69 35.32 8.12
C ASP B 79 22.23 35.71 8.02
N ARG B 80 21.67 35.61 6.82
CA ARG B 80 20.28 35.96 6.58
C ARG B 80 19.27 34.86 6.88
N THR B 81 19.66 33.62 6.70
CA THR B 81 18.75 32.50 6.90
C THR B 81 19.13 31.49 7.96
N GLY B 82 20.43 31.38 8.24
CA GLY B 82 20.89 30.41 9.22
C GLY B 82 20.94 29.01 8.62
N LEU B 83 20.76 28.92 7.31
CA LEU B 83 20.78 27.64 6.60
C LEU B 83 22.21 27.23 6.28
N GLU B 84 22.42 25.93 6.06
CA GLU B 84 23.74 25.46 5.69
C GLU B 84 23.91 25.85 4.23
N ALA B 85 24.96 26.59 3.92
CA ALA B 85 25.23 27.04 2.56
C ALA B 85 26.58 26.48 2.12
N ALA B 86 26.57 25.73 1.01
CA ALA B 86 27.78 25.10 0.50
C ALA B 86 28.34 25.75 -0.75
N PRO B 87 29.58 26.22 -0.70
CA PRO B 87 30.17 26.84 -1.89
C PRO B 87 30.66 25.75 -2.83
N HIS B 88 30.60 26.00 -4.12
CA HIS B 88 31.14 25.05 -5.08
C HIS B 88 32.59 25.50 -5.23
N LEU B 89 33.49 24.54 -5.33
CA LEU B 89 34.90 24.84 -5.47
C LEU B 89 35.47 23.97 -6.57
N THR B 90 36.19 24.60 -7.50
CA THR B 90 36.80 23.88 -8.61
C THR B 90 38.31 23.88 -8.42
N CYS B 91 38.99 22.88 -8.97
CA CYS B 91 40.44 22.81 -8.80
C CYS B 91 41.23 22.99 -10.08
N ILE B 92 40.53 23.13 -11.19
CA ILE B 92 41.20 23.29 -12.48
C ILE B 92 41.86 24.66 -12.65
N ASP B 93 41.46 25.63 -11.84
CA ASP B 93 42.01 26.98 -11.93
C ASP B 93 42.71 27.46 -10.65
N ALA B 94 43.24 26.53 -9.87
CA ALA B 94 43.93 26.89 -8.64
C ALA B 94 44.96 25.83 -8.27
N THR B 95 46.01 26.23 -7.58
CA THR B 95 47.05 25.30 -7.16
C THR B 95 46.62 24.67 -5.84
N PRO B 96 47.22 23.53 -5.47
CA PRO B 96 46.88 22.86 -4.22
C PRO B 96 47.01 23.79 -3.01
N ASP B 97 48.07 24.59 -2.96
CA ASP B 97 48.25 25.49 -1.83
C ASP B 97 47.13 26.51 -1.76
N GLU B 98 46.75 27.06 -2.91
CA GLU B 98 45.68 28.03 -2.95
C GLU B 98 44.38 27.40 -2.47
N LEU B 99 44.15 26.16 -2.89
CA LEU B 99 42.94 25.43 -2.51
C LEU B 99 42.91 25.13 -1.01
N ARG B 100 44.06 24.81 -0.43
CA ARG B 100 44.12 24.53 1.00
C ARG B 100 43.80 25.79 1.80
N THR B 101 44.30 26.93 1.33
CA THR B 101 44.04 28.21 2.00
C THR B 101 42.55 28.53 1.90
N ILE B 102 41.99 28.37 0.70
CA ILE B 102 40.58 28.63 0.49
C ILE B 102 39.75 27.72 1.41
N ALA B 103 40.13 26.45 1.49
CA ALA B 103 39.41 25.49 2.33
C ALA B 103 39.46 25.85 3.82
N ARG B 104 40.65 26.19 4.29
CA ARG B 104 40.83 26.56 5.69
C ARG B 104 39.96 27.75 6.06
N ASP B 105 39.97 28.78 5.21
CA ASP B 105 39.18 29.98 5.47
C ASP B 105 37.70 29.63 5.54
N TYR B 106 37.24 28.76 4.63
CA TYR B 106 35.84 28.35 4.64
C TYR B 106 35.52 27.71 5.99
N TRP B 107 36.35 26.74 6.37
CA TRP B 107 36.14 26.03 7.63
C TRP B 107 36.12 26.97 8.83
N ASN B 108 37.06 27.92 8.87
CA ASN B 108 37.11 28.86 9.98
C ASN B 108 35.94 29.84 9.95
N ASN B 109 35.29 29.95 8.78
CA ASN B 109 34.15 30.84 8.67
C ASN B 109 32.84 30.08 8.86
N GLY B 110 32.96 28.84 9.33
CA GLY B 110 31.78 28.04 9.58
C GLY B 110 31.19 27.35 8.37
N ILE B 111 31.96 27.28 7.28
CA ILE B 111 31.51 26.62 6.06
C ILE B 111 32.03 25.19 6.14
N ARG B 112 31.15 24.24 6.46
CA ARG B 112 31.56 22.83 6.63
C ARG B 112 31.12 21.88 5.53
N HIS B 113 30.51 22.40 4.48
CA HIS B 113 30.05 21.59 3.36
C HIS B 113 30.52 22.24 2.06
N ILE B 114 31.24 21.47 1.25
CA ILE B 114 31.75 21.98 -0.02
C ILE B 114 31.35 21.04 -1.16
N VAL B 115 30.98 21.63 -2.29
CA VAL B 115 30.65 20.84 -3.48
C VAL B 115 31.98 20.88 -4.25
N ALA B 116 32.69 19.76 -4.27
CA ALA B 116 34.00 19.67 -4.93
C ALA B 116 33.91 19.21 -6.37
N LEU B 117 34.36 20.09 -7.26
CA LEU B 117 34.32 19.81 -8.70
C LEU B 117 35.65 20.10 -9.38
N ARG B 118 35.86 19.47 -10.53
CA ARG B 118 37.06 19.66 -11.32
C ARG B 118 36.87 21.04 -11.97
N GLY B 119 35.68 21.24 -12.53
CA GLY B 119 35.36 22.51 -13.16
C GLY B 119 35.33 22.50 -14.68
N ASP B 120 34.46 23.34 -15.25
CA ASP B 120 34.35 23.45 -16.71
C ASP B 120 35.66 24.07 -17.21
N LEU B 121 36.18 23.56 -18.31
CA LEU B 121 37.42 24.08 -18.86
C LEU B 121 37.23 25.43 -19.55
N GLU B 129 45.62 19.59 -14.18
CA GLU B 129 46.47 18.55 -13.60
C GLU B 129 45.68 17.64 -12.68
N MET B 130 44.97 18.23 -11.72
CA MET B 130 44.18 17.43 -10.79
C MET B 130 42.73 17.29 -11.20
N TYR B 131 42.14 16.18 -10.79
CA TYR B 131 40.74 15.88 -11.08
C TYR B 131 39.97 16.05 -9.79
N ALA B 132 38.65 16.02 -9.86
CA ALA B 132 37.82 16.20 -8.67
C ALA B 132 38.20 15.30 -7.49
N SER B 133 38.56 14.05 -7.78
CA SER B 133 38.93 13.13 -6.71
C SER B 133 40.15 13.66 -5.94
N ASP B 134 41.03 14.37 -6.64
CA ASP B 134 42.22 14.95 -6.01
C ASP B 134 41.78 16.07 -5.08
N LEU B 135 40.77 16.82 -5.49
CA LEU B 135 40.26 17.91 -4.66
C LEU B 135 39.60 17.35 -3.40
N VAL B 136 38.85 16.26 -3.58
CA VAL B 136 38.18 15.64 -2.44
C VAL B 136 39.22 15.25 -1.38
N THR B 137 40.26 14.57 -1.83
CA THR B 137 41.34 14.15 -0.95
C THR B 137 42.01 15.35 -0.28
N LEU B 138 42.26 16.39 -1.05
CA LEU B 138 42.89 17.59 -0.52
C LEU B 138 42.03 18.22 0.58
N LEU B 139 40.72 18.28 0.35
CA LEU B 139 39.80 18.87 1.32
C LEU B 139 39.73 18.08 2.62
N LYS B 140 39.62 16.76 2.51
CA LYS B 140 39.55 15.91 3.70
C LYS B 140 40.80 16.05 4.55
N GLU B 141 41.94 16.32 3.91
CA GLU B 141 43.19 16.50 4.65
C GLU B 141 43.16 17.80 5.44
N VAL B 142 42.45 18.80 4.92
CA VAL B 142 42.34 20.08 5.59
C VAL B 142 41.43 19.98 6.80
N ALA B 143 40.25 19.40 6.61
CA ALA B 143 39.29 19.24 7.71
C ALA B 143 38.20 18.24 7.35
N ASP B 144 37.42 17.84 8.34
CA ASP B 144 36.36 16.85 8.12
C ASP B 144 35.13 17.43 7.45
N PHE B 145 35.30 17.94 6.24
CA PHE B 145 34.20 18.54 5.48
C PHE B 145 33.15 17.55 5.01
N ASP B 146 31.94 18.04 4.81
CA ASP B 146 30.88 17.25 4.21
C ASP B 146 31.23 17.58 2.77
N ILE B 147 31.35 16.57 1.91
CA ILE B 147 31.72 16.83 0.52
C ILE B 147 30.73 16.23 -0.47
N SER B 148 30.28 17.06 -1.41
CA SER B 148 29.33 16.61 -2.44
C SER B 148 30.06 16.64 -3.78
N VAL B 149 29.81 15.64 -4.62
CA VAL B 149 30.46 15.58 -5.93
C VAL B 149 29.45 15.32 -7.05
N ALA B 150 29.86 15.59 -8.29
CA ALA B 150 28.98 15.42 -9.44
C ALA B 150 28.95 13.99 -9.98
N ALA B 151 27.77 13.56 -10.38
CA ALA B 151 27.55 12.22 -10.97
C ALA B 151 26.91 12.45 -12.33
N TYR B 152 27.20 11.57 -13.29
CA TYR B 152 26.65 11.73 -14.64
C TYR B 152 25.94 10.48 -15.16
N PRO B 153 24.61 10.41 -14.99
CA PRO B 153 23.81 9.27 -15.44
C PRO B 153 23.99 8.96 -16.92
N GLU B 154 24.28 10.00 -17.72
CA GLU B 154 24.46 9.82 -19.15
C GLU B 154 25.92 9.90 -19.57
N VAL B 155 26.80 9.81 -18.58
CA VAL B 155 28.25 9.82 -18.74
C VAL B 155 28.85 11.18 -19.10
N HIS B 156 29.87 11.58 -18.35
CA HIS B 156 30.52 12.86 -18.62
C HIS B 156 31.09 12.82 -20.04
N PRO B 157 30.93 13.91 -20.80
CA PRO B 157 31.42 13.97 -22.18
C PRO B 157 32.90 13.65 -22.41
N GLU B 158 33.75 13.85 -21.42
CA GLU B 158 35.17 13.58 -21.58
C GLU B 158 35.62 12.20 -21.11
N ALA B 159 34.70 11.43 -20.52
CA ALA B 159 35.04 10.10 -20.01
C ALA B 159 35.44 9.15 -21.13
N LYS B 160 36.44 8.30 -20.87
CA LYS B 160 36.89 7.36 -21.89
C LYS B 160 35.87 6.24 -22.06
N SER B 161 35.00 6.07 -21.07
CA SER B 161 33.96 5.04 -21.13
C SER B 161 32.99 5.22 -19.96
N ALA B 162 31.82 4.60 -20.08
CA ALA B 162 30.81 4.67 -19.03
C ALA B 162 31.40 4.03 -17.79
N GLN B 163 32.14 2.94 -17.99
CA GLN B 163 32.76 2.22 -16.87
C GLN B 163 33.79 3.11 -16.16
N ALA B 164 34.60 3.82 -16.94
CA ALA B 164 35.62 4.68 -16.36
C ALA B 164 34.98 5.81 -15.55
N ASP B 165 33.91 6.39 -16.08
CA ASP B 165 33.23 7.48 -15.39
C ASP B 165 32.60 7.01 -14.09
N LEU B 166 32.03 5.80 -14.11
CA LEU B 166 31.41 5.22 -12.93
C LEU B 166 32.48 4.93 -11.87
N LEU B 167 33.61 4.38 -12.29
CA LEU B 167 34.69 4.07 -11.36
C LEU B 167 35.28 5.38 -10.82
N ASN B 168 35.13 6.45 -11.58
CA ASN B 168 35.63 7.74 -11.13
C ASN B 168 34.74 8.23 -9.99
N LEU B 169 33.43 8.02 -10.11
CA LEU B 169 32.51 8.43 -9.05
C LEU B 169 32.87 7.64 -7.80
N LYS B 170 33.16 6.35 -7.99
CA LYS B 170 33.55 5.50 -6.87
C LYS B 170 34.82 6.05 -6.23
N ARG B 171 35.75 6.50 -7.06
CA ARG B 171 36.99 7.06 -6.53
C ARG B 171 36.71 8.30 -5.68
N LYS B 172 35.81 9.16 -6.16
CA LYS B 172 35.50 10.38 -5.41
C LYS B 172 34.82 10.03 -4.09
N VAL B 173 33.92 9.06 -4.11
CA VAL B 173 33.24 8.66 -2.89
C VAL B 173 34.22 8.04 -1.91
N ASP B 174 35.10 7.17 -2.40
CA ASP B 174 36.09 6.52 -1.55
C ASP B 174 37.07 7.55 -0.97
N ALA B 175 37.23 8.67 -1.66
CA ALA B 175 38.14 9.71 -1.21
C ALA B 175 37.52 10.55 -0.10
N GLY B 176 36.21 10.42 0.11
CA GLY B 176 35.57 11.17 1.17
C GLY B 176 34.25 11.85 0.87
N ALA B 177 33.81 11.81 -0.38
CA ALA B 177 32.54 12.45 -0.73
C ALA B 177 31.40 11.66 -0.11
N ASN B 178 30.48 12.35 0.57
CA ASN B 178 29.35 11.65 1.18
C ASN B 178 28.01 11.91 0.50
N ARG B 179 28.04 12.65 -0.60
CA ARG B 179 26.86 12.95 -1.39
C ARG B 179 27.25 13.01 -2.87
N ALA B 180 26.37 12.50 -3.73
CA ALA B 180 26.58 12.54 -5.17
C ALA B 180 25.34 13.24 -5.71
N ILE B 181 25.54 14.27 -6.52
CA ILE B 181 24.45 15.04 -7.12
C ILE B 181 24.57 14.90 -8.63
N THR B 182 23.51 14.47 -9.29
CA THR B 182 23.58 14.26 -10.73
C THR B 182 23.44 15.50 -11.59
N GLN B 183 23.98 15.38 -12.81
CA GLN B 183 23.87 16.38 -13.84
C GLN B 183 22.36 16.30 -14.09
N PHE B 184 21.74 17.36 -14.61
CA PHE B 184 20.30 17.28 -14.85
C PHE B 184 20.04 16.29 -15.98
N PHE B 185 18.82 15.78 -16.04
CA PHE B 185 18.43 14.82 -17.07
C PHE B 185 16.93 14.92 -17.32
N PHE B 186 16.48 14.38 -18.45
CA PHE B 186 15.06 14.39 -18.78
C PHE B 186 14.59 12.98 -19.09
N ASP B 187 15.56 12.07 -19.22
CA ASP B 187 15.30 10.65 -19.48
C ASP B 187 15.35 10.01 -18.09
N VAL B 188 14.19 9.90 -17.44
CA VAL B 188 14.12 9.32 -16.10
C VAL B 188 14.70 7.91 -16.01
N GLU B 189 14.46 7.10 -17.03
CA GLU B 189 14.97 5.74 -17.02
C GLU B 189 16.49 5.71 -16.95
N SER B 190 17.14 6.69 -17.57
CA SER B 190 18.61 6.77 -17.55
C SER B 190 19.12 6.94 -16.13
N TYR B 191 18.42 7.76 -15.34
CA TYR B 191 18.82 7.97 -13.95
C TYR B 191 18.60 6.70 -13.14
N LEU B 192 17.45 6.06 -13.32
CA LEU B 192 17.14 4.84 -12.58
C LEU B 192 18.14 3.73 -12.89
N ARG B 193 18.50 3.58 -14.17
CA ARG B 193 19.46 2.55 -14.54
C ARG B 193 20.85 2.87 -13.94
N PHE B 194 21.21 4.14 -13.94
CA PHE B 194 22.50 4.58 -13.40
C PHE B 194 22.55 4.30 -11.89
N ARG B 195 21.44 4.52 -11.21
CA ARG B 195 21.36 4.29 -9.78
C ARG B 195 21.64 2.81 -9.49
N ASP B 196 21.08 1.94 -10.31
CA ASP B 196 21.33 0.50 -10.13
C ASP B 196 22.79 0.17 -10.43
N ARG B 197 23.37 0.81 -11.42
CA ARG B 197 24.77 0.57 -11.78
C ARG B 197 25.71 1.03 -10.65
N CYS B 198 25.33 2.07 -9.93
CA CYS B 198 26.16 2.56 -8.83
C CYS B 198 26.19 1.49 -7.74
N VAL B 199 25.06 0.84 -7.51
CA VAL B 199 25.00 -0.23 -6.52
C VAL B 199 25.92 -1.36 -6.95
N SER B 200 25.89 -1.69 -8.24
CA SER B 200 26.73 -2.77 -8.77
C SER B 200 28.21 -2.45 -8.57
N ALA B 201 28.56 -1.16 -8.63
CA ALA B 201 29.92 -0.74 -8.45
C ALA B 201 30.28 -0.62 -6.96
N GLY B 202 29.32 -0.92 -6.09
CA GLY B 202 29.58 -0.85 -4.66
C GLY B 202 29.57 0.53 -4.04
N ILE B 203 28.99 1.51 -4.73
CA ILE B 203 28.92 2.88 -4.22
C ILE B 203 27.74 2.93 -3.24
N ASP B 204 28.01 3.29 -1.99
CA ASP B 204 26.95 3.30 -0.98
C ASP B 204 26.31 4.63 -0.61
N VAL B 205 26.60 5.69 -1.36
CA VAL B 205 25.98 6.97 -1.05
C VAL B 205 24.76 7.13 -1.94
N GLU B 206 23.78 7.89 -1.49
CA GLU B 206 22.59 8.10 -2.29
C GLU B 206 22.98 8.96 -3.49
N ILE B 207 22.37 8.70 -4.63
CA ILE B 207 22.64 9.46 -5.85
C ILE B 207 21.48 10.46 -5.95
N ILE B 208 21.73 11.69 -5.54
CA ILE B 208 20.69 12.71 -5.55
C ILE B 208 20.45 13.30 -6.94
N PRO B 209 19.22 13.19 -7.45
CA PRO B 209 18.95 13.74 -8.78
C PRO B 209 18.94 15.28 -8.79
N GLY B 210 19.68 15.84 -9.74
CA GLY B 210 19.72 17.28 -9.91
C GLY B 210 18.59 17.58 -10.88
N ILE B 211 17.62 18.37 -10.43
CA ILE B 211 16.46 18.70 -11.25
C ILE B 211 16.56 20.09 -11.87
N LEU B 212 16.41 20.15 -13.20
CA LEU B 212 16.44 21.44 -13.89
C LEU B 212 15.04 21.75 -14.42
N PRO B 213 14.30 22.65 -13.74
CA PRO B 213 12.96 23.04 -14.17
C PRO B 213 13.19 23.93 -15.38
N VAL B 214 12.67 23.52 -16.53
CA VAL B 214 12.89 24.27 -17.76
C VAL B 214 11.80 25.27 -18.13
N SER B 215 12.19 26.53 -18.28
CA SER B 215 11.26 27.57 -18.70
C SER B 215 11.76 28.12 -20.04
N ASN B 216 13.08 28.23 -20.20
CA ASN B 216 13.66 28.71 -21.46
C ASN B 216 14.27 27.49 -22.13
N PHE B 217 13.50 26.84 -22.99
CA PHE B 217 13.97 25.64 -23.68
C PHE B 217 15.16 25.85 -24.62
N LYS B 218 15.15 26.95 -25.38
CA LYS B 218 16.24 27.22 -26.31
C LYS B 218 17.58 27.18 -25.61
N GLN B 219 17.65 27.79 -24.43
CA GLN B 219 18.88 27.81 -23.67
C GLN B 219 19.20 26.45 -23.04
N ALA B 220 18.19 25.78 -22.50
CA ALA B 220 18.41 24.48 -21.88
C ALA B 220 18.92 23.48 -22.90
N LYS B 221 18.39 23.56 -24.12
CA LYS B 221 18.79 22.65 -25.20
C LYS B 221 20.28 22.85 -25.53
N LYS B 222 20.72 24.09 -25.58
CA LYS B 222 22.13 24.37 -25.87
C LYS B 222 22.99 23.80 -24.74
N PHE B 223 22.56 24.00 -23.50
CA PHE B 223 23.31 23.50 -22.35
C PHE B 223 23.38 21.98 -22.40
N ALA B 224 22.23 21.35 -22.64
CA ALA B 224 22.15 19.89 -22.72
C ALA B 224 23.05 19.35 -23.82
N ASP B 225 23.06 20.01 -24.97
CA ASP B 225 23.89 19.55 -26.07
C ASP B 225 25.37 19.60 -25.70
N MET B 226 25.76 20.61 -24.94
CA MET B 226 27.16 20.75 -24.53
C MET B 226 27.54 19.77 -23.42
N THR B 227 26.56 19.26 -22.70
CA THR B 227 26.82 18.36 -21.58
C THR B 227 26.46 16.90 -21.86
N ASN B 228 26.06 16.61 -23.08
CA ASN B 228 25.70 15.24 -23.45
C ASN B 228 24.43 14.75 -22.76
N VAL B 229 23.49 15.65 -22.50
CA VAL B 229 22.22 15.28 -21.86
C VAL B 229 21.14 15.16 -22.93
N ARG B 230 20.52 14.00 -23.01
CA ARG B 230 19.49 13.74 -24.01
C ARG B 230 18.15 14.42 -23.76
N ILE B 231 17.62 15.03 -24.81
CA ILE B 231 16.31 15.67 -24.74
C ILE B 231 15.40 14.77 -25.57
N PRO B 232 14.46 14.09 -24.91
CA PRO B 232 13.53 13.19 -25.63
C PRO B 232 12.80 13.92 -26.74
N ALA B 233 12.46 13.19 -27.80
CA ALA B 233 11.74 13.80 -28.92
C ALA B 233 10.42 14.43 -28.47
N TRP B 234 9.73 13.79 -27.51
CA TRP B 234 8.46 14.35 -27.06
C TRP B 234 8.65 15.70 -26.37
N MET B 235 9.79 15.87 -25.70
CA MET B 235 10.06 17.12 -25.01
C MET B 235 10.38 18.23 -26.00
N ALA B 236 11.16 17.91 -27.02
CA ALA B 236 11.48 18.90 -28.03
C ALA B 236 10.17 19.35 -28.71
N GLN B 237 9.26 18.42 -28.93
CA GLN B 237 8.00 18.74 -29.57
C GLN B 237 7.12 19.61 -28.67
N MET B 238 7.17 19.33 -27.37
CA MET B 238 6.39 20.09 -26.41
C MET B 238 6.74 21.57 -26.40
N PHE B 239 8.02 21.89 -26.63
CA PHE B 239 8.45 23.29 -26.63
C PHE B 239 8.48 23.92 -28.01
N ASP B 240 8.26 23.12 -29.04
CA ASP B 240 8.27 23.64 -30.40
C ASP B 240 7.20 24.71 -30.56
N GLY B 241 7.57 25.84 -31.16
CA GLY B 241 6.63 26.92 -31.37
C GLY B 241 6.37 27.83 -30.18
N LEU B 242 7.16 27.68 -29.12
CA LEU B 242 6.97 28.51 -27.93
C LEU B 242 8.08 29.53 -27.68
N ASP B 243 8.90 29.79 -28.68
CA ASP B 243 10.00 30.74 -28.53
C ASP B 243 9.57 32.10 -27.98
N ASP B 244 8.37 32.57 -28.33
CA ASP B 244 7.90 33.86 -27.84
C ASP B 244 6.70 33.76 -26.90
N ASP B 245 6.54 32.61 -26.26
CA ASP B 245 5.41 32.40 -25.36
C ASP B 245 5.93 31.94 -24.01
N ALA B 246 6.45 32.87 -23.22
CA ALA B 246 7.01 32.54 -21.91
C ALA B 246 5.99 31.90 -20.98
N GLU B 247 4.74 32.33 -21.05
CA GLU B 247 3.69 31.80 -20.20
C GLU B 247 3.47 30.30 -20.40
N THR B 248 3.26 29.90 -21.65
CA THR B 248 3.05 28.48 -21.96
C THR B 248 4.30 27.66 -21.65
N ARG B 249 5.48 28.22 -21.90
CA ARG B 249 6.73 27.49 -21.62
C ARG B 249 6.79 27.17 -20.14
N LYS B 250 6.37 28.11 -19.31
CA LYS B 250 6.41 27.90 -17.86
C LYS B 250 5.50 26.77 -17.43
N LEU B 251 4.28 26.76 -17.97
CA LEU B 251 3.31 25.72 -17.62
C LEU B 251 3.77 24.35 -18.11
N VAL B 252 4.30 24.31 -19.33
CA VAL B 252 4.79 23.05 -19.90
C VAL B 252 6.01 22.54 -19.13
N GLY B 253 6.94 23.44 -18.82
CA GLY B 253 8.12 23.04 -18.08
C GLY B 253 7.78 22.55 -16.68
N ALA B 254 6.84 23.20 -16.02
CA ALA B 254 6.45 22.80 -14.66
C ALA B 254 5.81 21.40 -14.72
N ASN B 255 5.00 21.16 -15.74
CA ASN B 255 4.34 19.88 -15.93
C ASN B 255 5.40 18.78 -16.05
N ILE B 256 6.42 19.03 -16.87
CA ILE B 256 7.50 18.06 -17.07
C ILE B 256 8.25 17.74 -15.77
N ALA B 257 8.63 18.78 -15.03
CA ALA B 257 9.37 18.59 -13.78
C ALA B 257 8.52 17.90 -12.71
N MET B 258 7.24 18.28 -12.63
CA MET B 258 6.34 17.68 -11.66
C MET B 258 6.17 16.19 -11.94
N ASP B 259 6.02 15.86 -13.22
CA ASP B 259 5.87 14.47 -13.62
C ASP B 259 7.14 13.69 -13.24
N MET B 260 8.30 14.30 -13.50
CA MET B 260 9.58 13.66 -13.19
C MET B 260 9.77 13.34 -11.72
N VAL B 261 9.50 14.31 -10.84
CA VAL B 261 9.71 14.04 -9.41
C VAL B 261 8.67 13.08 -8.84
N LYS B 262 7.49 13.03 -9.45
CA LYS B 262 6.44 12.13 -8.99
C LYS B 262 6.89 10.68 -9.23
N ILE B 263 7.45 10.45 -10.41
CA ILE B 263 7.95 9.12 -10.78
C ILE B 263 9.17 8.74 -9.94
N LEU B 264 10.10 9.68 -9.78
CA LEU B 264 11.31 9.44 -8.99
C LEU B 264 10.93 9.16 -7.53
N SER B 265 9.95 9.92 -7.03
CA SER B 265 9.48 9.75 -5.66
C SER B 265 8.94 8.34 -5.45
N ARG B 266 8.13 7.87 -6.40
CA ARG B 266 7.55 6.53 -6.28
C ARG B 266 8.64 5.47 -6.28
N GLU B 267 9.73 5.74 -6.99
CA GLU B 267 10.85 4.80 -7.07
C GLU B 267 11.75 4.83 -5.83
N GLY B 268 11.37 5.60 -4.83
CA GLY B 268 12.16 5.64 -3.61
C GLY B 268 13.13 6.80 -3.42
N VAL B 269 13.16 7.75 -4.36
CA VAL B 269 14.06 8.89 -4.20
C VAL B 269 13.45 9.82 -3.14
N LYS B 270 14.24 10.17 -2.13
CA LYS B 270 13.78 11.04 -1.06
C LYS B 270 14.62 12.30 -0.93
N ASP B 271 15.48 12.52 -1.91
CA ASP B 271 16.36 13.69 -1.91
C ASP B 271 16.38 14.27 -3.31
N PHE B 272 16.23 15.60 -3.40
CA PHE B 272 16.23 16.29 -4.69
C PHE B 272 17.03 17.58 -4.60
N HIS B 273 17.83 17.86 -5.63
CA HIS B 273 18.64 19.07 -5.69
C HIS B 273 18.13 19.86 -6.90
N PHE B 274 17.69 21.08 -6.66
CA PHE B 274 17.14 21.90 -7.75
C PHE B 274 18.05 22.98 -8.30
N TYR B 275 18.20 22.97 -9.62
CA TYR B 275 18.99 23.98 -10.32
C TYR B 275 17.98 25.10 -10.56
N THR B 276 17.90 26.02 -9.60
CA THR B 276 16.92 27.10 -9.65
C THR B 276 17.18 28.23 -10.65
N LEU B 277 18.42 28.38 -11.08
CA LEU B 277 18.77 29.47 -11.98
C LEU B 277 18.37 30.78 -11.29
N ASN B 278 18.40 30.75 -9.96
CA ASN B 278 18.07 31.89 -9.11
C ASN B 278 16.61 32.33 -9.07
N ARG B 279 15.72 31.52 -9.65
CA ARG B 279 14.31 31.82 -9.64
C ARG B 279 13.64 30.83 -8.69
N ALA B 280 12.65 31.28 -7.94
CA ALA B 280 11.99 30.40 -6.98
C ALA B 280 10.70 29.73 -7.41
N GLU B 281 9.90 30.42 -8.21
CA GLU B 281 8.58 29.93 -8.62
C GLU B 281 8.45 28.47 -9.00
N MET B 282 9.22 28.03 -9.99
CA MET B 282 9.12 26.64 -10.43
C MET B 282 9.55 25.64 -9.36
N SER B 283 10.75 25.83 -8.80
CA SER B 283 11.24 24.93 -7.76
C SER B 283 10.31 24.89 -6.55
N TYR B 284 9.79 26.05 -6.18
CA TYR B 284 8.89 26.14 -5.03
C TYR B 284 7.62 25.28 -5.27
N ALA B 285 7.08 25.39 -6.47
CA ALA B 285 5.86 24.64 -6.83
C ALA B 285 6.15 23.14 -6.91
N ILE B 286 7.29 22.78 -7.48
CA ILE B 286 7.64 21.37 -7.57
C ILE B 286 7.76 20.81 -6.15
N CYS B 287 8.39 21.57 -5.26
CA CYS B 287 8.54 21.13 -3.87
C CYS B 287 7.17 21.00 -3.22
N HIS B 288 6.24 21.89 -3.56
CA HIS B 288 4.91 21.83 -3.00
C HIS B 288 4.26 20.49 -3.34
N THR B 289 4.45 20.03 -4.57
CA THR B 289 3.84 18.75 -4.96
C THR B 289 4.46 17.58 -4.19
N LEU B 290 5.71 17.74 -3.78
CA LEU B 290 6.41 16.70 -3.01
C LEU B 290 6.08 16.80 -1.52
N GLY B 291 5.15 17.69 -1.17
CA GLY B 291 4.79 17.85 0.22
C GLY B 291 5.72 18.73 1.02
N VAL B 292 6.69 19.34 0.34
CA VAL B 292 7.65 20.25 1.00
C VAL B 292 7.02 21.62 0.97
N ARG B 293 6.42 22.03 2.09
CA ARG B 293 5.73 23.29 2.18
C ARG B 293 6.13 24.09 3.42
N PRO B 294 5.88 25.41 3.42
CA PRO B 294 6.25 26.21 4.59
C PRO B 294 5.39 25.92 5.81
N GLN C 22 4.77 -25.32 -5.82
CA GLN C 22 3.63 -24.82 -5.00
C GLN C 22 4.07 -23.65 -4.11
N ILE C 23 3.25 -23.34 -3.11
CA ILE C 23 3.56 -22.24 -2.19
C ILE C 23 4.06 -22.76 -0.85
N ASN C 24 5.18 -22.21 -0.38
CA ASN C 24 5.75 -22.61 0.90
C ASN C 24 5.47 -21.52 1.92
N VAL C 25 5.18 -21.91 3.16
CA VAL C 25 4.91 -20.93 4.21
C VAL C 25 5.71 -21.24 5.47
N SER C 26 5.96 -20.20 6.25
CA SER C 26 6.67 -20.32 7.51
C SER C 26 5.93 -19.42 8.49
N PHE C 27 6.01 -19.73 9.78
CA PHE C 27 5.32 -18.96 10.80
C PHE C 27 6.28 -18.51 11.88
N GLN C 28 6.11 -17.28 12.32
CA GLN C 28 6.98 -16.71 13.36
C GLN C 28 6.22 -16.55 14.66
N PHE C 29 6.81 -17.04 15.75
CA PHE C 29 6.20 -16.94 17.06
C PHE C 29 7.14 -16.19 18.00
N PHE C 30 6.65 -15.85 19.19
CA PHE C 30 7.50 -15.19 20.18
C PHE C 30 7.32 -15.90 21.53
N PRO C 31 8.35 -15.86 22.38
CA PRO C 31 8.29 -16.51 23.70
C PRO C 31 7.21 -15.93 24.61
N PRO C 32 6.25 -16.77 25.05
CA PRO C 32 5.19 -16.26 25.93
C PRO C 32 5.78 -15.75 27.24
N ARG C 33 5.19 -14.70 27.80
CA ARG C 33 5.66 -14.14 29.05
C ARG C 33 4.63 -14.35 30.17
N THR C 34 3.47 -14.85 29.79
CA THR C 34 2.41 -15.12 30.76
C THR C 34 1.83 -16.50 30.52
N SER C 35 1.18 -17.03 31.55
CA SER C 35 0.55 -18.35 31.48
C SER C 35 -0.51 -18.35 30.38
N GLU C 36 -1.26 -17.25 30.27
CA GLU C 36 -2.30 -17.15 29.25
C GLU C 36 -1.71 -17.23 27.84
N MET C 37 -0.64 -16.47 27.58
CA MET C 37 -0.02 -16.48 26.26
C MET C 37 0.61 -17.84 25.96
N GLU C 38 1.14 -18.50 26.98
CA GLU C 38 1.73 -19.81 26.78
C GLU C 38 0.66 -20.76 26.23
N GLN C 39 -0.53 -20.72 26.81
CA GLN C 39 -1.63 -21.58 26.35
C GLN C 39 -1.99 -21.23 24.91
N THR C 40 -2.13 -19.94 24.64
CA THR C 40 -2.46 -19.49 23.28
C THR C 40 -1.44 -19.98 22.26
N LEU C 41 -0.16 -19.82 22.57
CA LEU C 41 0.90 -20.24 21.68
C LEU C 41 0.85 -21.71 21.29
N TRP C 42 0.74 -22.59 22.28
CA TRP C 42 0.70 -24.01 21.95
C TRP C 42 -0.57 -24.37 21.17
N ASN C 43 -1.66 -23.64 21.41
CA ASN C 43 -2.87 -23.89 20.63
C ASN C 43 -2.59 -23.54 19.18
N SER C 44 -1.91 -22.41 18.98
CA SER C 44 -1.59 -21.95 17.63
C SER C 44 -0.61 -22.85 16.91
N ILE C 45 0.36 -23.38 17.63
CA ILE C 45 1.34 -24.27 17.04
C ILE C 45 0.68 -25.55 16.53
N ASP C 46 -0.22 -26.12 17.32
CA ASP C 46 -0.91 -27.34 16.89
C ASP C 46 -1.75 -27.07 15.64
N ARG C 47 -2.45 -25.94 15.64
CA ARG C 47 -3.28 -25.56 14.50
C ARG C 47 -2.45 -25.31 13.24
N LEU C 48 -1.40 -24.51 13.36
CA LEU C 48 -0.56 -24.18 12.22
C LEU C 48 0.37 -25.30 11.75
N SER C 49 0.80 -26.17 12.67
CA SER C 49 1.68 -27.25 12.26
C SER C 49 0.99 -28.16 11.23
N SER C 50 -0.34 -28.21 11.28
CA SER C 50 -1.10 -29.05 10.36
C SER C 50 -0.98 -28.60 8.91
N LEU C 51 -0.48 -27.39 8.70
CA LEU C 51 -0.31 -26.86 7.36
C LEU C 51 1.05 -27.22 6.78
N LYS C 52 1.85 -27.96 7.55
CA LYS C 52 3.17 -28.40 7.13
C LYS C 52 4.07 -27.26 6.62
N PRO C 53 4.33 -26.25 7.47
CA PRO C 53 5.19 -25.15 7.05
C PRO C 53 6.61 -25.65 6.80
N LYS C 54 7.34 -24.99 5.89
CA LYS C 54 8.70 -25.39 5.61
C LYS C 54 9.51 -25.25 6.89
N PHE C 55 9.16 -24.26 7.70
CA PHE C 55 9.85 -24.04 8.97
C PHE C 55 9.08 -23.01 9.77
N VAL C 56 9.39 -22.93 11.06
CA VAL C 56 8.78 -21.92 11.92
C VAL C 56 9.95 -21.29 12.66
N SER C 57 9.76 -20.09 13.17
CA SER C 57 10.84 -19.41 13.87
C SER C 57 10.32 -18.79 15.16
N VAL C 58 11.24 -18.52 16.08
CA VAL C 58 10.91 -17.94 17.36
C VAL C 58 11.84 -16.76 17.64
N THR C 59 11.24 -15.61 17.89
CA THR C 59 11.99 -14.38 18.14
C THR C 59 12.74 -14.35 19.46
N TYR C 60 13.65 -13.40 19.56
CA TYR C 60 14.46 -13.18 20.74
C TYR C 60 14.27 -11.76 21.28
N GLY C 61 14.14 -11.67 22.59
CA GLY C 61 13.98 -10.38 23.25
C GLY C 61 14.95 -10.34 24.40
N ALA C 62 15.97 -9.48 24.28
CA ALA C 62 17.00 -9.36 25.31
C ALA C 62 16.42 -9.12 26.70
N ASN C 63 15.41 -8.25 26.79
CA ASN C 63 14.78 -7.92 28.05
C ASN C 63 13.36 -8.48 28.13
N SER C 64 13.04 -9.43 27.25
CA SER C 64 11.70 -9.99 27.24
C SER C 64 11.70 -11.51 27.14
N GLY C 65 12.67 -12.16 27.78
CA GLY C 65 12.72 -13.62 27.73
C GLY C 65 14.10 -14.22 27.62
N GLU C 66 15.00 -13.49 26.94
CA GLU C 66 16.38 -13.95 26.76
C GLU C 66 16.48 -15.18 25.86
N ARG C 67 17.71 -15.58 25.57
CA ARG C 67 17.98 -16.73 24.72
C ARG C 67 17.40 -18.04 25.25
N ASP C 68 17.40 -18.22 26.57
CA ASP C 68 16.89 -19.46 27.12
C ASP C 68 15.40 -19.66 26.85
N ARG C 69 14.61 -18.59 26.89
CA ARG C 69 13.19 -18.74 26.61
C ARG C 69 12.95 -19.00 25.12
N THR C 70 13.73 -18.34 24.27
CA THR C 70 13.61 -18.58 22.83
C THR C 70 13.96 -20.04 22.54
N HIS C 71 15.07 -20.49 23.11
CA HIS C 71 15.53 -21.86 22.92
C HIS C 71 14.53 -22.88 23.44
N SER C 72 13.94 -22.60 24.60
CA SER C 72 12.97 -23.51 25.20
C SER C 72 11.79 -23.73 24.27
N ILE C 73 11.28 -22.65 23.68
CA ILE C 73 10.15 -22.75 22.78
C ILE C 73 10.55 -23.52 21.53
N ILE C 74 11.74 -23.24 21.00
CA ILE C 74 12.23 -23.95 19.82
C ILE C 74 12.27 -25.46 20.11
N LYS C 75 12.86 -25.82 21.23
CA LYS C 75 12.94 -27.23 21.62
C LYS C 75 11.56 -27.84 21.76
N GLY C 76 10.64 -27.11 22.37
CA GLY C 76 9.29 -27.59 22.55
C GLY C 76 8.57 -27.86 21.24
N ILE C 77 8.74 -26.95 20.28
CA ILE C 77 8.12 -27.09 18.97
C ILE C 77 8.65 -28.34 18.27
N LYS C 78 9.98 -28.50 18.25
CA LYS C 78 10.60 -29.64 17.60
C LYS C 78 10.12 -30.96 18.19
N ASP C 79 10.10 -31.04 19.52
CA ASP C 79 9.66 -32.26 20.20
C ASP C 79 8.21 -32.59 19.94
N ARG C 80 7.36 -31.56 19.96
CA ARG C 80 5.92 -31.77 19.77
C ARG C 80 5.46 -31.97 18.32
N THR C 81 6.13 -31.31 17.38
CA THR C 81 5.71 -31.37 15.98
C THR C 81 6.66 -31.98 14.96
N GLY C 82 7.95 -32.04 15.29
CA GLY C 82 8.92 -32.57 14.35
C GLY C 82 9.30 -31.57 13.27
N LEU C 83 8.70 -30.38 13.34
CA LEU C 83 8.96 -29.33 12.36
C LEU C 83 10.35 -28.71 12.53
N GLU C 84 10.86 -28.11 11.45
CA GLU C 84 12.15 -27.44 11.55
C GLU C 84 11.85 -26.12 12.23
N ALA C 85 12.49 -25.86 13.37
CA ALA C 85 12.26 -24.63 14.12
C ALA C 85 13.57 -23.86 14.20
N ALA C 86 13.53 -22.61 13.77
CA ALA C 86 14.70 -21.75 13.74
C ALA C 86 14.68 -20.65 14.77
N PRO C 87 15.66 -20.63 15.68
CA PRO C 87 15.66 -19.57 16.68
C PRO C 87 16.22 -18.31 16.04
N HIS C 88 15.77 -17.15 16.51
CA HIS C 88 16.30 -15.90 16.02
C HIS C 88 17.46 -15.62 16.97
N LEU C 89 18.66 -15.53 16.41
CA LEU C 89 19.85 -15.29 17.21
C LEU C 89 20.44 -13.93 16.86
N THR C 90 20.69 -13.12 17.89
CA THR C 90 21.26 -11.78 17.68
C THR C 90 22.68 -11.75 18.25
N CYS C 91 23.45 -10.72 17.93
CA CYS C 91 24.81 -10.68 18.45
C CYS C 91 25.15 -9.54 19.40
N ILE C 92 24.14 -8.78 19.83
CA ILE C 92 24.38 -7.69 20.76
C ILE C 92 24.57 -8.18 22.19
N ASP C 93 25.57 -7.63 22.86
CA ASP C 93 25.92 -8.01 24.23
C ASP C 93 26.40 -9.45 24.31
N ALA C 94 26.73 -10.03 23.16
CA ALA C 94 27.24 -11.40 23.11
C ALA C 94 28.64 -11.37 22.50
N THR C 95 29.54 -12.20 23.01
CA THR C 95 30.89 -12.21 22.47
C THR C 95 30.99 -13.26 21.39
N PRO C 96 31.98 -13.12 20.48
CA PRO C 96 32.13 -14.11 19.41
C PRO C 96 32.28 -15.51 20.00
N ASP C 97 33.08 -15.66 21.05
CA ASP C 97 33.25 -16.98 21.65
C ASP C 97 31.94 -17.52 22.19
N GLU C 98 31.14 -16.66 22.81
CA GLU C 98 29.85 -17.09 23.33
C GLU C 98 28.96 -17.58 22.19
N LEU C 99 28.92 -16.80 21.12
CA LEU C 99 28.09 -17.15 19.97
C LEU C 99 28.50 -18.47 19.35
N ARG C 100 29.80 -18.73 19.29
CA ARG C 100 30.29 -20.00 18.72
C ARG C 100 29.87 -21.17 19.60
N THR C 101 30.00 -21.02 20.92
CA THR C 101 29.61 -22.08 21.84
C THR C 101 28.11 -22.35 21.74
N ILE C 102 27.33 -21.29 21.68
CA ILE C 102 25.87 -21.40 21.56
C ILE C 102 25.49 -22.09 20.26
N ALA C 103 26.11 -21.67 19.16
CA ALA C 103 25.83 -22.25 17.85
C ALA C 103 26.17 -23.74 17.82
N ARG C 104 27.31 -24.11 18.39
CA ARG C 104 27.71 -25.52 18.42
C ARG C 104 26.68 -26.35 19.17
N ASP C 105 26.21 -25.82 20.29
CA ASP C 105 25.21 -26.50 21.10
C ASP C 105 23.93 -26.71 20.30
N TYR C 106 23.48 -25.65 19.62
CA TYR C 106 22.26 -25.75 18.83
C TYR C 106 22.41 -26.80 17.73
N TRP C 107 23.52 -26.76 17.01
CA TRP C 107 23.76 -27.71 15.93
C TRP C 107 23.73 -29.15 16.44
N ASN C 108 24.51 -29.41 17.47
CA ASN C 108 24.56 -30.77 18.03
C ASN C 108 23.23 -31.22 18.63
N ASN C 109 22.28 -30.29 18.73
CA ASN C 109 20.96 -30.62 19.26
C ASN C 109 19.89 -30.63 18.18
N GLY C 110 20.31 -30.70 16.92
CA GLY C 110 19.35 -30.74 15.83
C GLY C 110 18.81 -29.43 15.29
N ILE C 111 19.28 -28.31 15.81
CA ILE C 111 18.81 -27.01 15.31
C ILE C 111 19.77 -26.66 14.18
N ARG C 112 19.29 -26.74 12.93
CA ARG C 112 20.15 -26.47 11.79
C ARG C 112 19.77 -25.28 10.93
N HIS C 113 18.83 -24.48 11.41
CA HIS C 113 18.39 -23.27 10.71
C HIS C 113 18.35 -22.18 11.77
N ILE C 114 19.02 -21.06 11.49
CA ILE C 114 19.06 -19.93 12.41
C ILE C 114 18.73 -18.67 11.63
N VAL C 115 17.96 -17.78 12.26
CA VAL C 115 17.64 -16.49 11.63
C VAL C 115 18.67 -15.58 12.29
N ALA C 116 19.72 -15.23 11.54
CA ALA C 116 20.83 -14.41 12.05
C ALA C 116 20.52 -12.93 11.99
N LEU C 117 20.54 -12.29 13.16
CA LEU C 117 20.23 -10.87 13.25
C LEU C 117 21.22 -10.09 14.10
N ARG C 118 21.26 -8.77 13.93
CA ARG C 118 22.14 -7.96 14.75
C ARG C 118 21.40 -7.77 16.07
N GLY C 119 20.10 -7.48 15.96
CA GLY C 119 19.27 -7.32 17.14
C GLY C 119 18.78 -5.93 17.51
N ASP C 120 17.61 -5.88 18.15
CA ASP C 120 17.03 -4.61 18.60
C ASP C 120 17.78 -4.22 19.88
N LEU C 121 18.64 -3.23 19.78
CA LEU C 121 19.43 -2.78 20.94
C LEU C 121 18.52 -2.43 22.12
N PRO C 128 27.07 -3.61 19.21
CA PRO C 128 27.62 -2.64 18.26
C PRO C 128 28.99 -3.03 17.73
N GLU C 129 29.55 -4.12 18.26
CA GLU C 129 30.85 -4.60 17.84
C GLU C 129 30.74 -5.34 16.51
N MET C 130 29.61 -6.00 16.29
CA MET C 130 29.41 -6.72 15.04
C MET C 130 28.04 -6.45 14.42
N TYR C 131 27.96 -6.67 13.12
CA TYR C 131 26.73 -6.48 12.36
C TYR C 131 26.24 -7.88 11.97
N ALA C 132 25.01 -7.97 11.50
CA ALA C 132 24.45 -9.25 11.11
C ALA C 132 25.37 -10.06 10.19
N SER C 133 26.03 -9.39 9.26
CA SER C 133 26.93 -10.10 8.34
C SER C 133 28.04 -10.80 9.10
N ASP C 134 28.48 -10.21 10.21
CA ASP C 134 29.55 -10.81 11.00
C ASP C 134 29.06 -12.10 11.66
N LEU C 135 27.80 -12.09 12.09
CA LEU C 135 27.21 -13.27 12.72
C LEU C 135 27.03 -14.38 11.68
N VAL C 136 26.62 -14.02 10.48
CA VAL C 136 26.45 -15.02 9.43
C VAL C 136 27.78 -15.73 9.20
N THR C 137 28.86 -14.96 9.08
CA THR C 137 30.19 -15.52 8.85
C THR C 137 30.58 -16.42 10.02
N LEU C 138 30.32 -15.95 11.24
CA LEU C 138 30.65 -16.72 12.42
C LEU C 138 29.91 -18.06 12.43
N LEU C 139 28.62 -18.04 12.13
CA LEU C 139 27.82 -19.26 12.11
C LEU C 139 28.26 -20.26 11.06
N LYS C 140 28.54 -19.79 9.84
CA LYS C 140 28.99 -20.68 8.77
C LYS C 140 30.32 -21.35 9.11
N GLU C 141 31.13 -20.68 9.92
CA GLU C 141 32.41 -21.26 10.32
C GLU C 141 32.18 -22.40 11.30
N VAL C 142 31.13 -22.29 12.11
CA VAL C 142 30.81 -23.33 13.09
C VAL C 142 30.25 -24.57 12.39
N ALA C 143 29.21 -24.37 11.58
CA ALA C 143 28.58 -25.48 10.89
C ALA C 143 27.83 -25.01 9.64
N ASP C 144 27.41 -25.98 8.82
CA ASP C 144 26.69 -25.65 7.60
C ASP C 144 25.22 -25.35 7.87
N PHE C 145 24.98 -24.33 8.68
CA PHE C 145 23.62 -23.92 9.02
C PHE C 145 22.86 -23.35 7.83
N ASP C 146 21.55 -23.50 7.90
CA ASP C 146 20.65 -22.91 6.92
C ASP C 146 20.51 -21.56 7.63
N ILE C 147 20.71 -20.46 6.93
CA ILE C 147 20.65 -19.15 7.57
C ILE C 147 19.70 -18.18 6.86
N SER C 148 18.86 -17.52 7.64
CA SER C 148 17.93 -16.53 7.10
C SER C 148 18.29 -15.18 7.70
N VAL C 149 18.22 -14.12 6.89
CA VAL C 149 18.54 -12.77 7.37
C VAL C 149 17.43 -11.78 7.04
N ALA C 150 17.45 -10.65 7.74
CA ALA C 150 16.45 -9.60 7.56
C ALA C 150 16.72 -8.70 6.36
N ALA C 151 15.65 -8.37 5.64
CA ALA C 151 15.71 -7.50 4.47
C ALA C 151 14.69 -6.40 4.75
N TYR C 152 14.95 -5.20 4.25
CA TYR C 152 14.07 -4.05 4.49
C TYR C 152 13.66 -3.33 3.21
N PRO C 153 12.45 -3.63 2.69
CA PRO C 153 11.95 -2.99 1.47
C PRO C 153 11.89 -1.47 1.58
N GLU C 154 11.66 -0.97 2.79
CA GLU C 154 11.58 0.48 2.96
C GLU C 154 12.79 1.07 3.68
N VAL C 155 13.88 0.31 3.68
CA VAL C 155 15.17 0.67 4.27
C VAL C 155 15.20 0.66 5.79
N HIS C 156 16.24 0.04 6.34
CA HIS C 156 16.40 -0.04 7.79
C HIS C 156 16.58 1.39 8.27
N PRO C 157 15.89 1.76 9.36
CA PRO C 157 15.94 3.10 9.96
C PRO C 157 17.32 3.72 10.18
N GLU C 158 18.31 2.89 10.44
CA GLU C 158 19.67 3.36 10.72
C GLU C 158 20.62 3.42 9.52
N ALA C 159 20.19 2.85 8.39
CA ALA C 159 21.02 2.81 7.20
C ALA C 159 21.45 4.20 6.72
N LYS C 160 22.68 4.30 6.21
CA LYS C 160 23.20 5.55 5.70
C LYS C 160 22.41 5.97 4.46
N SER C 161 21.93 4.98 3.71
CA SER C 161 21.16 5.23 2.49
C SER C 161 20.53 3.94 2.02
N ALA C 162 19.61 4.04 1.05
CA ALA C 162 18.97 2.86 0.50
C ALA C 162 20.03 2.01 -0.18
N GLN C 163 20.97 2.67 -0.84
CA GLN C 163 22.05 1.96 -1.55
C GLN C 163 22.88 1.16 -0.55
N ALA C 164 23.24 1.79 0.57
CA ALA C 164 24.04 1.14 1.59
C ALA C 164 23.32 -0.06 2.21
N ASP C 165 22.02 0.08 2.45
CA ASP C 165 21.26 -1.02 3.07
C ASP C 165 21.16 -2.21 2.11
N LEU C 166 21.02 -1.93 0.82
CA LEU C 166 20.96 -3.01 -0.16
C LEU C 166 22.33 -3.70 -0.25
N LEU C 167 23.41 -2.91 -0.22
CA LEU C 167 24.75 -3.48 -0.27
C LEU C 167 25.02 -4.33 0.98
N ASN C 168 24.40 -3.95 2.10
CA ASN C 168 24.56 -4.73 3.32
C ASN C 168 23.85 -6.08 3.18
N LEU C 169 22.66 -6.10 2.59
CA LEU C 169 21.94 -7.36 2.41
C LEU C 169 22.77 -8.27 1.52
N LYS C 170 23.39 -7.69 0.49
CA LYS C 170 24.23 -8.46 -0.42
C LYS C 170 25.41 -9.03 0.37
N ARG C 171 25.88 -8.25 1.34
CA ARG C 171 27.01 -8.66 2.19
C ARG C 171 26.60 -9.89 3.02
N LYS C 172 25.39 -9.85 3.59
CA LYS C 172 24.90 -10.96 4.41
C LYS C 172 24.67 -12.21 3.56
N VAL C 173 24.15 -12.02 2.35
CA VAL C 173 23.90 -13.15 1.47
C VAL C 173 25.23 -13.77 1.05
N ASP C 174 26.18 -12.92 0.68
CA ASP C 174 27.49 -13.37 0.25
C ASP C 174 28.23 -14.09 1.38
N ALA C 175 27.94 -13.73 2.62
CA ALA C 175 28.57 -14.35 3.78
C ALA C 175 28.01 -15.76 4.00
N GLY C 176 26.87 -16.05 3.40
CA GLY C 176 26.29 -17.37 3.55
C GLY C 176 24.79 -17.48 3.73
N ALA C 177 24.09 -16.36 3.87
CA ALA C 177 22.64 -16.42 4.07
C ALA C 177 21.95 -17.13 2.91
N ASN C 178 21.02 -18.02 3.25
CA ASN C 178 20.26 -18.85 2.30
C ASN C 178 18.98 -18.19 1.79
N ARG C 179 18.48 -17.22 2.55
CA ARG C 179 17.27 -16.52 2.16
C ARG C 179 17.14 -15.24 2.97
N ALA C 180 16.32 -14.34 2.47
CA ALA C 180 16.08 -13.08 3.14
C ALA C 180 14.60 -13.04 3.48
N ILE C 181 14.28 -12.55 4.68
CA ILE C 181 12.90 -12.44 5.10
C ILE C 181 12.70 -10.95 5.31
N THR C 182 11.68 -10.38 4.67
CA THR C 182 11.48 -8.94 4.78
C THR C 182 10.68 -8.48 5.98
N GLN C 183 10.96 -7.25 6.37
CA GLN C 183 10.23 -6.56 7.41
C GLN C 183 8.83 -6.51 6.80
N PHE C 184 7.78 -6.40 7.60
CA PHE C 184 6.45 -6.35 7.03
C PHE C 184 6.27 -5.04 6.28
N PHE C 185 5.26 -5.01 5.42
CA PHE C 185 4.95 -3.84 4.61
C PHE C 185 3.48 -3.88 4.25
N PHE C 186 2.93 -2.73 3.86
CA PHE C 186 1.53 -2.67 3.47
C PHE C 186 1.39 -2.05 2.09
N ASP C 187 2.51 -1.53 1.58
CA ASP C 187 2.59 -0.96 0.24
C ASP C 187 3.24 -2.06 -0.58
N VAL C 188 2.43 -2.88 -1.25
CA VAL C 188 2.94 -3.99 -2.04
C VAL C 188 3.98 -3.61 -3.09
N GLU C 189 3.79 -2.47 -3.75
CA GLU C 189 4.73 -2.06 -4.78
C GLU C 189 6.13 -1.86 -4.19
N SER C 190 6.19 -1.43 -2.93
CA SER C 190 7.46 -1.23 -2.26
C SER C 190 8.24 -2.55 -2.22
N TYR C 191 7.54 -3.65 -1.96
CA TYR C 191 8.19 -4.95 -1.93
C TYR C 191 8.63 -5.38 -3.32
N LEU C 192 7.75 -5.18 -4.30
CA LEU C 192 8.06 -5.57 -5.68
C LEU C 192 9.26 -4.80 -6.21
N ARG C 193 9.27 -3.50 -5.98
CA ARG C 193 10.40 -2.68 -6.44
C ARG C 193 11.69 -3.12 -5.74
N PHE C 194 11.59 -3.43 -4.45
CA PHE C 194 12.76 -3.87 -3.69
C PHE C 194 13.29 -5.18 -4.25
N ARG C 195 12.39 -6.11 -4.52
CA ARG C 195 12.80 -7.40 -5.06
C ARG C 195 13.54 -7.19 -6.38
N ASP C 196 13.06 -6.28 -7.21
CA ASP C 196 13.72 -6.01 -8.48
C ASP C 196 15.14 -5.48 -8.25
N ARG C 197 15.31 -4.59 -7.28
CA ARG C 197 16.62 -4.04 -6.99
C ARG C 197 17.56 -5.14 -6.48
N CYS C 198 17.03 -6.07 -5.69
CA CYS C 198 17.83 -7.17 -5.18
C CYS C 198 18.38 -7.98 -6.35
N VAL C 199 17.52 -8.30 -7.32
CA VAL C 199 17.94 -9.06 -8.47
C VAL C 199 19.00 -8.29 -9.26
N SER C 200 18.78 -6.99 -9.43
CA SER C 200 19.73 -6.17 -10.16
C SER C 200 21.09 -6.14 -9.47
N ALA C 201 21.07 -6.22 -8.15
CA ALA C 201 22.31 -6.20 -7.35
C ALA C 201 23.00 -7.57 -7.31
N GLY C 202 22.42 -8.55 -7.98
CA GLY C 202 23.01 -9.88 -7.98
C GLY C 202 22.66 -10.75 -6.79
N ILE C 203 21.68 -10.32 -6.00
CA ILE C 203 21.26 -11.10 -4.85
C ILE C 203 20.33 -12.16 -5.41
N ASP C 204 20.82 -13.40 -5.46
CA ASP C 204 20.06 -14.49 -6.05
C ASP C 204 19.17 -15.33 -5.15
N VAL C 205 19.20 -15.09 -3.83
CA VAL C 205 18.35 -15.86 -2.93
C VAL C 205 16.92 -15.34 -2.93
N GLU C 206 16.00 -16.12 -2.40
CA GLU C 206 14.62 -15.70 -2.35
C GLU C 206 14.43 -14.57 -1.35
N ILE C 207 13.65 -13.57 -1.75
CA ILE C 207 13.33 -12.44 -0.88
C ILE C 207 11.92 -12.75 -0.43
N ILE C 208 11.83 -13.39 0.73
CA ILE C 208 10.54 -13.82 1.26
C ILE C 208 9.78 -12.72 1.98
N PRO C 209 8.57 -12.37 1.49
CA PRO C 209 7.83 -11.33 2.19
C PRO C 209 7.34 -11.76 3.57
N GLY C 210 7.58 -10.90 4.55
CA GLY C 210 7.11 -11.16 5.89
C GLY C 210 5.74 -10.48 5.94
N ILE C 211 4.71 -11.28 6.18
CA ILE C 211 3.33 -10.78 6.22
C ILE C 211 2.81 -10.57 7.64
N LEU C 212 2.32 -9.38 7.93
CA LEU C 212 1.76 -9.10 9.25
C LEU C 212 0.24 -8.93 9.17
N PRO C 213 -0.51 -9.98 9.53
CA PRO C 213 -1.98 -9.88 9.49
C PRO C 213 -2.31 -8.93 10.61
N VAL C 214 -3.10 -7.90 10.33
CA VAL C 214 -3.44 -6.92 11.36
C VAL C 214 -4.84 -7.04 11.92
N SER C 215 -4.92 -7.26 13.22
CA SER C 215 -6.22 -7.35 13.90
C SER C 215 -6.26 -6.17 14.89
N ASN C 216 -5.10 -5.80 15.40
CA ASN C 216 -4.99 -4.68 16.33
C ASN C 216 -4.19 -3.59 15.60
N PHE C 217 -4.90 -2.63 15.02
CA PHE C 217 -4.25 -1.56 14.27
C PHE C 217 -3.41 -0.60 15.10
N LYS C 218 -3.92 -0.21 16.26
CA LYS C 218 -3.18 0.71 17.13
C LYS C 218 -1.75 0.20 17.36
N GLN C 219 -1.63 -1.10 17.65
CA GLN C 219 -0.32 -1.68 17.89
C GLN C 219 0.50 -1.85 16.61
N ALA C 220 -0.17 -2.20 15.51
CA ALA C 220 0.53 -2.37 14.24
C ALA C 220 1.07 -1.02 13.79
N LYS C 221 0.28 0.04 13.97
CA LYS C 221 0.68 1.37 13.58
C LYS C 221 1.91 1.82 14.37
N LYS C 222 1.92 1.49 15.65
CA LYS C 222 3.05 1.85 16.51
C LYS C 222 4.33 1.19 16.02
N PHE C 223 4.23 -0.09 15.68
CA PHE C 223 5.39 -0.84 15.22
C PHE C 223 5.88 -0.30 13.87
N ALA C 224 4.94 0.02 12.98
CA ALA C 224 5.26 0.53 11.66
C ALA C 224 5.97 1.88 11.72
N ASP C 225 5.49 2.77 12.58
CA ASP C 225 6.08 4.08 12.74
C ASP C 225 7.52 3.95 13.25
N MET C 226 7.75 2.96 14.11
CA MET C 226 9.08 2.73 14.67
C MET C 226 10.06 2.11 13.67
N THR C 227 9.52 1.47 12.63
CA THR C 227 10.35 0.81 11.63
C THR C 227 10.32 1.46 10.24
N ASN C 228 9.71 2.64 10.17
CA ASN C 228 9.59 3.38 8.92
C ASN C 228 8.79 2.66 7.83
N VAL C 229 7.81 1.86 8.24
CA VAL C 229 6.94 1.12 7.31
C VAL C 229 5.72 1.96 7.01
N ARG C 230 5.52 2.29 5.73
CA ARG C 230 4.38 3.12 5.34
C ARG C 230 3.03 2.42 5.45
N ILE C 231 2.06 3.13 6.02
CA ILE C 231 0.70 2.64 6.14
C ILE C 231 -0.11 3.48 5.16
N PRO C 232 -0.59 2.86 4.06
CA PRO C 232 -1.38 3.59 3.06
C PRO C 232 -2.55 4.32 3.69
N ALA C 233 -2.92 5.46 3.09
CA ALA C 233 -4.04 6.24 3.61
C ALA C 233 -5.33 5.40 3.61
N TRP C 234 -5.51 4.57 2.59
CA TRP C 234 -6.73 3.77 2.55
C TRP C 234 -6.78 2.78 3.71
N MET C 235 -5.62 2.32 4.15
CA MET C 235 -5.55 1.37 5.25
C MET C 235 -5.87 2.05 6.58
N ALA C 236 -5.30 3.23 6.79
CA ALA C 236 -5.54 3.98 8.01
C ALA C 236 -7.03 4.29 8.14
N GLN C 237 -7.67 4.62 7.02
CA GLN C 237 -9.09 4.94 7.01
C GLN C 237 -9.92 3.68 7.29
N MET C 238 -9.43 2.55 6.80
CA MET C 238 -10.13 1.27 6.98
C MET C 238 -10.25 0.86 8.44
N PHE C 239 -9.28 1.24 9.27
CA PHE C 239 -9.32 0.88 10.68
C PHE C 239 -9.84 2.01 11.56
N ASP C 240 -10.08 3.17 10.96
CA ASP C 240 -10.57 4.31 11.69
C ASP C 240 -11.91 4.00 12.34
N GLY C 241 -12.05 4.34 13.62
CA GLY C 241 -13.30 4.11 14.33
C GLY C 241 -13.54 2.69 14.84
N LEU C 242 -12.54 1.82 14.73
CA LEU C 242 -12.69 0.43 15.18
C LEU C 242 -11.91 0.08 16.46
N ASP C 243 -11.50 1.10 17.20
CA ASP C 243 -10.73 0.87 18.43
C ASP C 243 -11.39 -0.12 19.39
N ASP C 244 -12.72 -0.09 19.46
CA ASP C 244 -13.44 -0.99 20.36
C ASP C 244 -14.30 -2.03 19.64
N ASP C 245 -13.91 -2.39 18.42
CA ASP C 245 -14.65 -3.37 17.65
C ASP C 245 -13.70 -4.43 17.10
N ALA C 246 -13.32 -5.36 17.97
CA ALA C 246 -12.39 -6.42 17.61
C ALA C 246 -12.85 -7.29 16.43
N GLU C 247 -14.13 -7.64 16.42
CA GLU C 247 -14.68 -8.47 15.35
C GLU C 247 -14.51 -7.84 13.97
N THR C 248 -14.87 -6.57 13.84
CA THR C 248 -14.75 -5.91 12.55
C THR C 248 -13.28 -5.76 12.14
N ARG C 249 -12.42 -5.45 13.11
CA ARG C 249 -11.00 -5.32 12.82
C ARG C 249 -10.45 -6.61 12.24
N LYS C 250 -10.90 -7.75 12.76
CA LYS C 250 -10.40 -9.03 12.27
C LYS C 250 -10.82 -9.30 10.84
N LEU C 251 -12.07 -9.03 10.52
CA LEU C 251 -12.57 -9.26 9.16
C LEU C 251 -11.89 -8.30 8.19
N VAL C 252 -11.75 -7.06 8.60
CA VAL C 252 -11.09 -6.05 7.77
C VAL C 252 -9.62 -6.39 7.57
N GLY C 253 -8.95 -6.77 8.66
CA GLY C 253 -7.55 -7.13 8.56
C GLY C 253 -7.32 -8.37 7.73
N ALA C 254 -8.23 -9.34 7.82
CA ALA C 254 -8.08 -10.57 7.04
C ALA C 254 -8.21 -10.26 5.55
N ASN C 255 -9.16 -9.38 5.22
CA ASN C 255 -9.40 -8.97 3.84
C ASN C 255 -8.12 -8.36 3.26
N ILE C 256 -7.50 -7.44 4.01
CA ILE C 256 -6.27 -6.79 3.57
C ILE C 256 -5.16 -7.81 3.30
N ALA C 257 -4.94 -8.71 4.25
CA ALA C 257 -3.89 -9.72 4.13
C ALA C 257 -4.14 -10.69 2.97
N MET C 258 -5.38 -11.13 2.81
CA MET C 258 -5.72 -12.04 1.73
C MET C 258 -5.52 -11.36 0.38
N ASP C 259 -5.85 -10.08 0.30
CA ASP C 259 -5.67 -9.36 -0.95
C ASP C 259 -4.18 -9.24 -1.26
N MET C 260 -3.39 -8.92 -0.23
CA MET C 260 -1.94 -8.79 -0.40
C MET C 260 -1.26 -10.05 -0.90
N VAL C 261 -1.54 -11.19 -0.29
CA VAL C 261 -0.88 -12.42 -0.71
C VAL C 261 -1.36 -12.86 -2.09
N LYS C 262 -2.58 -12.47 -2.45
CA LYS C 262 -3.12 -12.81 -3.76
C LYS C 262 -2.29 -12.10 -4.84
N ILE C 263 -2.08 -10.80 -4.64
CA ILE C 263 -1.28 -10.00 -5.59
C ILE C 263 0.16 -10.47 -5.64
N LEU C 264 0.74 -10.76 -4.47
CA LEU C 264 2.12 -11.21 -4.42
C LEU C 264 2.28 -12.54 -5.13
N SER C 265 1.31 -13.42 -4.93
CA SER C 265 1.32 -14.73 -5.56
C SER C 265 1.29 -14.57 -7.08
N ARG C 266 0.45 -13.67 -7.56
CA ARG C 266 0.34 -13.41 -8.99
C ARG C 266 1.65 -12.84 -9.54
N GLU C 267 2.43 -12.19 -8.68
CA GLU C 267 3.70 -11.59 -9.08
C GLU C 267 4.90 -12.53 -8.87
N GLY C 268 4.64 -13.83 -8.77
CA GLY C 268 5.71 -14.79 -8.63
C GLY C 268 6.18 -15.23 -7.24
N VAL C 269 5.62 -14.64 -6.19
CA VAL C 269 6.01 -15.02 -4.84
C VAL C 269 5.46 -16.41 -4.51
N LYS C 270 6.37 -17.32 -4.13
CA LYS C 270 6.02 -18.69 -3.81
C LYS C 270 6.36 -19.05 -2.36
N ASP C 271 6.76 -18.05 -1.59
CA ASP C 271 7.14 -18.23 -0.20
C ASP C 271 6.63 -17.07 0.63
N PHE C 272 6.00 -17.38 1.78
CA PHE C 272 5.48 -16.35 2.66
C PHE C 272 5.86 -16.68 4.10
N HIS C 273 6.23 -15.66 4.86
CA HIS C 273 6.60 -15.81 6.28
C HIS C 273 5.59 -14.99 7.07
N PHE C 274 4.83 -15.65 7.95
CA PHE C 274 3.79 -14.95 8.71
C PHE C 274 4.16 -14.54 10.13
N TYR C 275 3.95 -13.26 10.44
CA TYR C 275 4.18 -12.72 11.78
C TYR C 275 2.87 -12.97 12.50
N THR C 276 2.73 -14.17 13.06
CA THR C 276 1.50 -14.56 13.73
C THR C 276 1.19 -13.88 15.05
N LEU C 277 2.22 -13.38 15.73
CA LEU C 277 2.05 -12.78 17.04
C LEU C 277 1.39 -13.81 17.96
N ASN C 278 1.72 -15.07 17.69
CA ASN C 278 1.23 -16.24 18.44
C ASN C 278 -0.24 -16.59 18.28
N ARG C 279 -0.91 -16.00 17.31
CA ARG C 279 -2.32 -16.29 17.06
C ARG C 279 -2.38 -17.03 15.72
N ALA C 280 -3.26 -18.02 15.62
CA ALA C 280 -3.33 -18.81 14.40
C ALA C 280 -4.45 -18.47 13.42
N GLU C 281 -5.59 -18.05 13.95
CA GLU C 281 -6.78 -17.76 13.15
C GLU C 281 -6.55 -17.05 11.81
N MET C 282 -5.97 -15.86 11.86
CA MET C 282 -5.75 -15.10 10.62
C MET C 282 -4.77 -15.75 9.67
N SER C 283 -3.60 -16.13 10.17
CA SER C 283 -2.60 -16.76 9.31
C SER C 283 -3.11 -18.06 8.71
N TYR C 284 -3.88 -18.82 9.50
CA TYR C 284 -4.41 -20.09 9.01
C TYR C 284 -5.34 -19.84 7.82
N ALA C 285 -6.23 -18.87 7.96
CA ALA C 285 -7.19 -18.53 6.91
C ALA C 285 -6.49 -18.00 5.66
N ILE C 286 -5.48 -17.15 5.84
CA ILE C 286 -4.75 -16.60 4.72
C ILE C 286 -4.09 -17.73 3.93
N CYS C 287 -3.47 -18.67 4.66
CA CYS C 287 -2.82 -19.81 4.00
C CYS C 287 -3.87 -20.60 3.23
N HIS C 288 -5.06 -20.74 3.81
CA HIS C 288 -6.13 -21.48 3.14
C HIS C 288 -6.42 -20.89 1.76
N THR C 289 -6.45 -19.56 1.66
CA THR C 289 -6.73 -18.91 0.38
C THR C 289 -5.59 -19.11 -0.62
N LEU C 290 -4.41 -19.41 -0.12
CA LEU C 290 -3.25 -19.64 -0.97
C LEU C 290 -3.18 -21.11 -1.37
N GLY C 291 -4.17 -21.88 -0.94
CA GLY C 291 -4.21 -23.29 -1.26
C GLY C 291 -3.41 -24.17 -0.32
N VAL C 292 -2.85 -23.54 0.73
CA VAL C 292 -2.06 -24.27 1.72
C VAL C 292 -3.03 -24.75 2.79
N ARG C 293 -3.35 -26.04 2.74
CA ARG C 293 -4.31 -26.62 3.67
C ARG C 293 -3.84 -27.94 4.27
N PRO C 294 -4.49 -28.40 5.35
CA PRO C 294 -4.06 -29.66 5.94
C PRO C 294 -4.43 -30.85 5.07
#